data_7MER
#
_entry.id   7MER
#
_cell.length_a   85.056
_cell.length_b   94.600
_cell.length_c   132.587
_cell.angle_alpha   90.000
_cell.angle_beta   90.000
_cell.angle_gamma   90.000
#
_symmetry.space_group_name_H-M   'P 21 21 21'
#
loop_
_entity.id
_entity.type
_entity.pdbx_description
1 polymer 'Delta-1-pyrroline-5-carboxylate dehydrogenase, mitochondrial'
2 non-polymer 4-HYDROXYPROLINE
3 non-polymer 'PENTAETHYLENE GLYCOL'
4 non-polymer 'SULFATE ION'
5 non-polymer DI(HYDROXYETHYL)ETHER
6 water water
#
_entity_poly.entity_id   1
_entity_poly.type   'polypeptide(L)'
_entity_poly.pdbx_seq_one_letter_code
;MGSSHHHHHHSSGLVPRGSHMLRWKHTSSLKVANEPILAFSQGSPERDALQKALKDLKGQTEAIPCVVGDEEVWTSDIQY
QLSPFNHAHKVAKFCYADKALLNRAIDAALAARKEWDLKPMADRAQVFLKAADMLSGPRRAEVLAKTMVGQGKTVIQAEI
DAAAELIDFFRFNAKFAVELEGEQPISVPPSTNHTVYRGLEGFVAAISPFNFTAIGGNLAGAPALMGNVVLWKPSDTAML
ASYAVYRILREAGLPPNIIQFVPADGPTFGDTVTSSEHLCGINFTGSVPTFKHLWRQVAQNLDRFRTFPRLAGECGGKNF
HFVHSSADVDSVVSGTLRSAFEYGGQKCSACSRLYVPKSLWPQIKGRLLEEHSRIKVGDPAEDFGTFFSAVIDAKAFARI
KKWLEHARSSPSLSILAGGQCNESVGYYVEPCIIESKDPQEPIMKEEIFGPVLTVYVYPDDKYRETLKLVDSTTSYGLTG
AVFAQDKAIVQEATRMLRNAAGNFYINDKSTGSVVGQQPFGGARASGTNDKPGGPHYILRWTSPQVIKETHKPLGDWRYS
YMQ
;
_entity_poly.pdbx_strand_id   A,B
#
loop_
_chem_comp.id
_chem_comp.type
_chem_comp.name
_chem_comp.formula
1PE non-polymer 'PENTAETHYLENE GLYCOL' 'C10 H22 O6'
PEG non-polymer DI(HYDROXYETHYL)ETHER 'C4 H10 O3'
SO4 non-polymer 'SULFATE ION' 'O4 S -2'
#
# COMPACT_ATOMS: atom_id res chain seq x y z
N VAL A 32 15.74 -16.21 11.93
CA VAL A 32 15.76 -17.26 10.92
C VAL A 32 16.90 -17.02 9.93
N ALA A 33 17.38 -18.10 9.34
CA ALA A 33 18.40 -18.08 8.30
C ALA A 33 17.82 -18.67 7.03
N ASN A 34 18.49 -18.41 5.91
CA ASN A 34 18.02 -18.97 4.64
C ASN A 34 18.21 -20.48 4.61
N GLU A 35 17.26 -21.16 3.98
CA GLU A 35 17.38 -22.59 3.77
C GLU A 35 18.57 -22.89 2.87
N PRO A 36 19.41 -23.88 3.22
CA PRO A 36 20.55 -24.23 2.34
C PRO A 36 20.09 -24.79 1.01
N ILE A 37 20.80 -24.40 -0.06
CA ILE A 37 20.62 -24.98 -1.38
C ILE A 37 21.46 -26.25 -1.45
N LEU A 38 20.81 -27.39 -1.63
CA LEU A 38 21.54 -28.65 -1.63
C LEU A 38 22.27 -28.83 -2.97
N ALA A 39 23.36 -29.60 -2.94
CA ALA A 39 24.21 -29.76 -4.12
C ALA A 39 23.81 -30.94 -5.00
N PHE A 40 23.06 -31.91 -4.46
CA PHE A 40 22.57 -33.05 -5.23
C PHE A 40 23.71 -33.81 -5.91
N SER A 41 24.84 -33.93 -5.22
CA SER A 41 25.96 -34.70 -5.73
C SER A 41 25.61 -36.18 -5.79
N GLN A 42 26.34 -36.90 -6.63
CA GLN A 42 26.20 -38.35 -6.74
C GLN A 42 26.29 -39.00 -5.35
N GLY A 43 25.35 -39.90 -5.07
CA GLY A 43 25.32 -40.59 -3.81
C GLY A 43 24.85 -39.77 -2.63
N SER A 44 24.40 -38.54 -2.84
CA SER A 44 23.90 -37.74 -1.75
C SER A 44 22.52 -38.23 -1.34
N PRO A 45 22.13 -37.98 -0.09
CA PRO A 45 20.76 -38.36 0.32
C PRO A 45 19.68 -37.66 -0.49
N GLU A 46 19.87 -36.37 -0.78
CA GLU A 46 18.81 -35.64 -1.47
C GLU A 46 18.65 -36.10 -2.92
N ARG A 47 19.74 -36.47 -3.58
CA ARG A 47 19.64 -36.94 -4.95
C ARG A 47 18.96 -38.30 -5.00
N ASP A 48 19.29 -39.19 -4.06
CA ASP A 48 18.60 -40.48 -4.00
C ASP A 48 17.11 -40.27 -3.71
N ALA A 49 16.79 -39.39 -2.75
CA ALA A 49 15.39 -39.13 -2.42
C ALA A 49 14.64 -38.54 -3.61
N LEU A 50 15.27 -37.63 -4.35
CA LEU A 50 14.64 -37.01 -5.51
C LEU A 50 14.40 -38.03 -6.61
N GLN A 51 15.41 -38.84 -6.93
CA GLN A 51 15.23 -39.85 -7.97
C GLN A 51 14.10 -40.81 -7.62
N LYS A 52 13.95 -41.15 -6.33
CA LYS A 52 12.85 -42.02 -5.92
C LYS A 52 11.50 -41.33 -6.09
N ALA A 53 11.43 -40.03 -5.75
CA ALA A 53 10.19 -39.29 -5.92
C ALA A 53 9.82 -39.17 -7.40
N LEU A 54 10.82 -38.95 -8.26
CA LEU A 54 10.56 -38.90 -9.69
C LEU A 54 10.06 -40.24 -10.21
N LYS A 55 10.67 -41.34 -9.75
CA LYS A 55 10.19 -42.66 -10.15
C LYS A 55 8.75 -42.87 -9.70
N ASP A 56 8.41 -42.39 -8.50
CA ASP A 56 7.05 -42.49 -7.98
C ASP A 56 6.04 -41.78 -8.88
N LEU A 57 6.45 -40.69 -9.54
CA LEU A 57 5.55 -39.87 -10.35
C LEU A 57 5.49 -40.25 -11.82
N LYS A 58 6.42 -41.07 -12.31
N LYS A 58 6.44 -41.06 -12.29
CA LYS A 58 6.65 -41.17 -13.75
CA LYS A 58 6.39 -41.52 -13.67
C LYS A 58 5.38 -41.53 -14.53
C LYS A 58 5.15 -42.39 -13.86
N GLY A 59 4.60 -42.48 -14.04
N GLY A 59 4.36 -42.05 -14.86
CA GLY A 59 3.41 -42.90 -14.78
CA GLY A 59 3.13 -42.77 -15.14
C GLY A 59 2.09 -42.56 -14.11
C GLY A 59 1.93 -42.37 -14.31
N GLN A 60 2.08 -41.47 -13.34
CA GLN A 60 0.96 -41.15 -12.45
C GLN A 60 0.17 -39.94 -12.92
N THR A 61 -1.15 -39.99 -12.71
CA THR A 61 -2.04 -38.85 -12.82
C THR A 61 -2.75 -38.68 -11.48
N GLU A 62 -2.65 -37.49 -10.90
CA GLU A 62 -3.36 -37.21 -9.65
C GLU A 62 -4.67 -36.50 -9.94
N ALA A 63 -5.74 -36.99 -9.31
CA ALA A 63 -7.04 -36.34 -9.37
C ALA A 63 -7.11 -35.32 -8.24
N ILE A 64 -7.07 -34.04 -8.61
CA ILE A 64 -6.94 -32.93 -7.67
C ILE A 64 -8.28 -32.19 -7.62
N PRO A 65 -9.01 -32.25 -6.52
CA PRO A 65 -10.32 -31.60 -6.45
C PRO A 65 -10.16 -30.15 -6.03
N CYS A 66 -11.25 -29.39 -6.15
CA CYS A 66 -11.36 -28.15 -5.40
C CYS A 66 -11.53 -28.49 -3.93
N VAL A 67 -10.99 -27.64 -3.06
CA VAL A 67 -11.16 -27.86 -1.63
C VAL A 67 -11.80 -26.62 -1.02
N VAL A 68 -12.99 -26.80 -0.47
CA VAL A 68 -13.71 -25.75 0.25
C VAL A 68 -13.92 -26.26 1.66
N GLY A 69 -13.28 -25.60 2.64
CA GLY A 69 -13.23 -26.13 3.98
C GLY A 69 -12.43 -27.41 3.98
N ASP A 70 -13.07 -28.52 4.38
CA ASP A 70 -12.46 -29.84 4.28
C ASP A 70 -13.11 -30.67 3.19
N GLU A 71 -14.01 -30.10 2.40
CA GLU A 71 -14.74 -30.86 1.39
C GLU A 71 -13.96 -30.86 0.08
N GLU A 72 -13.78 -32.06 -0.49
CA GLU A 72 -13.24 -32.20 -1.84
C GLU A 72 -14.39 -32.13 -2.83
N VAL A 73 -14.40 -31.11 -3.68
CA VAL A 73 -15.51 -30.84 -4.58
C VAL A 73 -15.06 -31.04 -6.02
N TRP A 74 -15.84 -31.81 -6.78
CA TRP A 74 -15.65 -31.96 -8.22
C TRP A 74 -16.80 -31.28 -8.96
N THR A 75 -16.45 -30.52 -9.99
CA THR A 75 -17.42 -30.04 -10.97
C THR A 75 -17.25 -30.84 -12.25
N SER A 76 -18.16 -30.60 -13.19
CA SER A 76 -18.08 -31.30 -14.47
C SER A 76 -17.09 -30.64 -15.44
N ASP A 77 -16.49 -29.52 -15.05
CA ASP A 77 -15.57 -28.78 -15.92
C ASP A 77 -14.16 -29.32 -15.72
N ILE A 78 -13.92 -30.50 -16.29
CA ILE A 78 -12.69 -31.24 -16.05
C ILE A 78 -11.55 -30.65 -16.90
N GLN A 79 -10.37 -30.52 -16.28
CA GLN A 79 -9.18 -30.00 -16.92
C GLN A 79 -8.00 -30.92 -16.61
N TYR A 80 -6.93 -30.79 -17.41
CA TYR A 80 -5.72 -31.60 -17.26
C TYR A 80 -4.49 -30.73 -17.27
N GLN A 81 -3.54 -31.05 -16.39
CA GLN A 81 -2.19 -30.51 -16.43
C GLN A 81 -1.28 -31.51 -17.12
N LEU A 82 -0.55 -31.06 -18.15
CA LEU A 82 0.31 -31.95 -18.93
C LEU A 82 1.78 -31.71 -18.57
N SER A 83 2.59 -32.76 -18.65
CA SER A 83 4.02 -32.62 -18.41
C SER A 83 4.64 -31.86 -19.59
N PRO A 84 5.31 -30.73 -19.38
CA PRO A 84 5.73 -29.91 -20.53
C PRO A 84 6.67 -30.61 -21.47
N PHE A 85 7.55 -31.48 -20.98
CA PHE A 85 8.49 -32.19 -21.83
C PHE A 85 7.95 -33.53 -22.33
N ASN A 86 6.73 -33.88 -21.97
CA ASN A 86 6.12 -35.13 -22.42
C ASN A 86 4.62 -34.96 -22.32
N HIS A 87 4.03 -34.23 -23.26
CA HIS A 87 2.67 -33.78 -23.03
C HIS A 87 1.64 -34.87 -23.22
N ALA A 88 2.05 -36.08 -23.64
CA ALA A 88 1.16 -37.23 -23.55
C ALA A 88 0.91 -37.66 -22.11
N HIS A 89 1.73 -37.19 -21.17
CA HIS A 89 1.59 -37.54 -19.76
C HIS A 89 0.74 -36.49 -19.06
N LYS A 90 -0.48 -36.85 -18.71
CA LYS A 90 -1.32 -35.99 -17.89
C LYS A 90 -0.89 -36.19 -16.44
N VAL A 91 -0.24 -35.19 -15.85
CA VAL A 91 0.22 -35.34 -14.47
C VAL A 91 -0.90 -35.09 -13.48
N ALA A 92 -1.95 -34.38 -13.86
CA ALA A 92 -3.05 -34.12 -12.94
C ALA A 92 -4.33 -33.95 -13.75
N LYS A 93 -5.43 -34.41 -13.14
CA LYS A 93 -6.78 -34.08 -13.58
C LYS A 93 -7.38 -33.20 -12.49
N PHE A 94 -7.95 -32.06 -12.87
CA PHE A 94 -8.54 -31.16 -11.89
C PHE A 94 -9.84 -30.62 -12.48
N CYS A 95 -10.46 -29.66 -11.80
CA CYS A 95 -11.68 -29.11 -12.34
C CYS A 95 -11.76 -27.63 -11.99
N TYR A 96 -12.54 -26.92 -12.79
CA TYR A 96 -12.76 -25.50 -12.59
C TYR A 96 -13.96 -25.28 -11.66
N ALA A 97 -13.75 -24.50 -10.61
CA ALA A 97 -14.86 -24.06 -9.77
C ALA A 97 -15.75 -23.11 -10.56
N ASP A 98 -17.06 -23.34 -10.51
CA ASP A 98 -17.97 -22.42 -11.16
C ASP A 98 -18.32 -21.27 -10.22
N LYS A 99 -19.05 -20.29 -10.75
CA LYS A 99 -19.42 -19.11 -9.95
C LYS A 99 -20.08 -19.53 -8.63
N ALA A 100 -20.95 -20.52 -8.67
CA ALA A 100 -21.68 -20.91 -7.46
C ALA A 100 -20.74 -21.54 -6.43
N LEU A 101 -19.76 -22.34 -6.88
CA LEU A 101 -18.83 -22.92 -5.93
C LEU A 101 -17.91 -21.84 -5.35
N LEU A 102 -17.44 -20.91 -6.19
CA LEU A 102 -16.62 -19.81 -5.68
C LEU A 102 -17.38 -18.98 -4.66
N ASN A 103 -18.66 -18.71 -4.90
CA ASN A 103 -19.43 -17.92 -3.94
C ASN A 103 -19.64 -18.68 -2.64
N ARG A 104 -19.83 -20.00 -2.72
CA ARG A 104 -19.91 -20.82 -1.52
C ARG A 104 -18.58 -20.84 -0.78
N ALA A 105 -17.46 -20.80 -1.52
CA ALA A 105 -16.15 -20.78 -0.87
C ALA A 105 -15.93 -19.45 -0.16
N ILE A 106 -16.41 -18.35 -0.75
CA ILE A 106 -16.33 -17.05 -0.09
C ILE A 106 -17.10 -17.07 1.21
N ASP A 107 -18.35 -17.53 1.16
CA ASP A 107 -19.20 -17.53 2.36
C ASP A 107 -18.59 -18.34 3.50
N ALA A 108 -18.04 -19.51 3.19
CA ALA A 108 -17.46 -20.36 4.22
C ALA A 108 -16.19 -19.74 4.79
N ALA A 109 -15.35 -19.16 3.92
CA ALA A 109 -14.15 -18.49 4.40
C ALA A 109 -14.52 -17.31 5.30
N LEU A 110 -15.51 -16.52 4.90
CA LEU A 110 -15.87 -15.35 5.72
C LEU A 110 -16.33 -15.79 7.11
N ALA A 111 -16.99 -16.94 7.20
CA ALA A 111 -17.47 -17.41 8.49
C ALA A 111 -16.34 -17.89 9.40
N ALA A 112 -15.17 -18.19 8.85
CA ALA A 112 -14.03 -18.65 9.62
C ALA A 112 -13.07 -17.53 9.99
N ARG A 113 -13.24 -16.35 9.39
CA ARG A 113 -12.21 -15.32 9.44
C ARG A 113 -12.05 -14.74 10.84
N LYS A 114 -13.16 -14.45 11.54
CA LYS A 114 -13.03 -13.76 12.82
C LYS A 114 -12.19 -14.57 13.80
N GLU A 115 -12.47 -15.87 13.92
CA GLU A 115 -11.71 -16.71 14.86
C GLU A 115 -10.23 -16.74 14.48
N TRP A 116 -9.93 -16.82 13.17
CA TRP A 116 -8.55 -16.90 12.71
C TRP A 116 -7.82 -15.58 12.95
N ASP A 117 -8.48 -14.46 12.67
CA ASP A 117 -7.92 -13.14 12.91
C ASP A 117 -7.66 -12.88 14.38
N LEU A 118 -8.52 -13.40 15.27
CA LEU A 118 -8.32 -13.24 16.71
C LEU A 118 -7.22 -14.12 17.27
N LYS A 119 -6.72 -15.10 16.52
CA LYS A 119 -5.61 -15.90 17.00
C LYS A 119 -4.37 -15.03 17.19
N PRO A 120 -3.55 -15.31 18.22
CA PRO A 120 -2.27 -14.60 18.33
C PRO A 120 -1.42 -14.82 17.10
N MET A 121 -0.66 -13.78 16.72
CA MET A 121 0.18 -13.88 15.53
C MET A 121 1.12 -15.09 15.61
N ALA A 122 1.67 -15.37 16.80
CA ALA A 122 2.59 -16.50 16.96
C ALA A 122 1.92 -17.84 16.66
N ASP A 123 0.62 -17.95 16.96
CA ASP A 123 -0.09 -19.21 16.71
C ASP A 123 -0.31 -19.43 15.21
N ARG A 124 -0.62 -18.37 14.47
CA ARG A 124 -0.70 -18.49 13.02
C ARG A 124 0.68 -18.75 12.42
N ALA A 125 1.70 -18.06 12.93
CA ALA A 125 3.06 -18.26 12.43
C ALA A 125 3.51 -19.71 12.58
N GLN A 126 3.09 -20.37 13.67
CA GLN A 126 3.50 -21.75 13.92
C GLN A 126 3.08 -22.68 12.79
N VAL A 127 1.92 -22.41 12.16
CA VAL A 127 1.51 -23.24 11.02
C VAL A 127 2.54 -23.16 9.91
N PHE A 128 2.98 -21.95 9.60
CA PHE A 128 3.90 -21.77 8.49
C PHE A 128 5.30 -22.24 8.84
N LEU A 129 5.69 -22.16 10.11
CA LEU A 129 7.00 -22.69 10.49
C LEU A 129 7.01 -24.21 10.41
N LYS A 130 5.92 -24.88 10.82
CA LYS A 130 5.82 -26.33 10.68
C LYS A 130 5.78 -26.74 9.22
N ALA A 131 5.06 -25.98 8.38
CA ALA A 131 5.04 -26.26 6.96
C ALA A 131 6.43 -26.13 6.35
N ALA A 132 7.16 -25.08 6.74
CA ALA A 132 8.55 -24.92 6.30
C ALA A 132 9.40 -26.12 6.68
N ASP A 133 9.26 -26.61 7.92
CA ASP A 133 10.08 -27.76 8.34
C ASP A 133 9.71 -29.00 7.54
N MET A 134 8.42 -29.18 7.20
CA MET A 134 8.01 -30.31 6.38
C MET A 134 8.60 -30.23 4.99
N LEU A 135 8.54 -29.04 4.37
CA LEU A 135 9.13 -28.83 3.06
C LEU A 135 10.64 -29.02 3.08
N SER A 136 11.29 -28.62 4.17
CA SER A 136 12.74 -28.76 4.25
C SER A 136 13.15 -30.22 4.33
N GLY A 137 12.40 -31.02 5.07
CA GLY A 137 12.79 -32.38 5.35
C GLY A 137 12.01 -33.39 4.56
N PRO A 138 10.96 -33.96 5.17
CA PRO A 138 10.33 -35.17 4.60
C PRO A 138 9.56 -34.94 3.31
N ARG A 139 9.14 -33.72 3.01
CA ARG A 139 8.38 -33.45 1.80
C ARG A 139 9.22 -32.79 0.70
N ARG A 140 10.52 -32.58 0.93
CA ARG A 140 11.33 -31.85 -0.04
C ARG A 140 11.34 -32.54 -1.39
N ALA A 141 11.62 -33.85 -1.41
CA ALA A 141 11.69 -34.57 -2.68
C ALA A 141 10.36 -34.54 -3.42
N GLU A 142 9.25 -34.70 -2.69
CA GLU A 142 7.93 -34.65 -3.31
C GLU A 142 7.70 -33.31 -4.02
N VAL A 143 7.88 -32.19 -3.33
CA VAL A 143 7.56 -30.91 -3.96
C VAL A 143 8.53 -30.60 -5.09
N LEU A 144 9.80 -31.00 -4.95
CA LEU A 144 10.75 -30.84 -6.04
C LEU A 144 10.31 -31.64 -7.27
N ALA A 145 9.99 -32.92 -7.07
CA ALA A 145 9.64 -33.79 -8.18
C ALA A 145 8.36 -33.33 -8.87
N LYS A 146 7.38 -32.85 -8.10
CA LYS A 146 6.14 -32.39 -8.72
C LYS A 146 6.34 -31.12 -9.52
N THR A 147 7.26 -30.26 -9.06
CA THR A 147 7.60 -29.06 -9.83
C THR A 147 8.38 -29.42 -11.09
N MET A 148 9.23 -30.44 -11.02
CA MET A 148 9.96 -30.88 -12.21
C MET A 148 9.02 -31.49 -13.25
N VAL A 149 8.22 -32.49 -12.88
CA VAL A 149 7.39 -33.18 -13.86
CA VAL A 149 7.41 -33.17 -13.88
C VAL A 149 6.23 -32.30 -14.32
N GLY A 150 5.69 -31.46 -13.43
CA GLY A 150 4.52 -30.69 -13.79
C GLY A 150 4.81 -29.36 -14.47
N GLN A 151 5.92 -28.72 -14.12
CA GLN A 151 6.24 -27.41 -14.68
C GLN A 151 7.50 -27.45 -15.55
N GLY A 152 8.15 -28.62 -15.66
CA GLY A 152 9.30 -28.77 -16.54
C GLY A 152 10.62 -28.25 -16.00
N LYS A 153 10.75 -28.09 -14.69
CA LYS A 153 11.98 -27.57 -14.11
C LYS A 153 13.05 -28.65 -13.98
N THR A 154 14.30 -28.22 -14.10
CA THR A 154 15.43 -29.08 -13.75
C THR A 154 15.56 -29.18 -12.23
N VAL A 155 16.42 -30.10 -11.80
CA VAL A 155 16.67 -30.31 -10.36
C VAL A 155 16.94 -29.00 -9.65
N ILE A 156 17.94 -28.25 -10.13
CA ILE A 156 18.35 -27.06 -9.38
C ILE A 156 17.28 -25.97 -9.43
N GLN A 157 16.57 -25.84 -10.55
CA GLN A 157 15.52 -24.82 -10.60
C GLN A 157 14.36 -25.17 -9.69
N ALA A 158 14.05 -26.47 -9.53
CA ALA A 158 13.01 -26.84 -8.57
C ALA A 158 13.49 -26.63 -7.14
N GLU A 159 14.77 -26.94 -6.88
CA GLU A 159 15.33 -26.79 -5.54
C GLU A 159 15.32 -25.34 -5.07
N ILE A 160 15.70 -24.39 -5.94
CA ILE A 160 15.72 -23.01 -5.48
C ILE A 160 14.33 -22.41 -5.39
N ASP A 161 13.34 -23.07 -5.97
CA ASP A 161 11.95 -22.61 -6.01
C ASP A 161 11.10 -23.29 -4.94
N ALA A 162 10.71 -24.53 -5.21
CA ALA A 162 9.72 -25.21 -4.39
C ALA A 162 10.26 -25.53 -3.00
N ALA A 163 11.58 -25.65 -2.87
CA ALA A 163 12.20 -25.81 -1.55
C ALA A 163 12.66 -24.47 -1.00
N ALA A 164 13.83 -23.99 -1.45
CA ALA A 164 14.47 -22.87 -0.77
C ALA A 164 13.58 -21.62 -0.70
N GLU A 165 13.07 -21.14 -1.84
CA GLU A 165 12.34 -19.88 -1.81
C GLU A 165 11.05 -20.00 -1.02
N LEU A 166 10.32 -21.10 -1.19
CA LEU A 166 9.07 -21.27 -0.46
C LEU A 166 9.32 -21.42 1.04
N ILE A 167 10.32 -22.21 1.40
CA ILE A 167 10.67 -22.37 2.81
C ILE A 167 11.03 -21.02 3.40
N ASP A 168 11.80 -20.22 2.66
CA ASP A 168 12.22 -18.91 3.16
C ASP A 168 11.04 -17.95 3.29
N PHE A 169 10.14 -17.92 2.30
CA PHE A 169 8.92 -17.11 2.44
C PHE A 169 8.22 -17.41 3.75
N PHE A 170 8.01 -18.70 4.04
CA PHE A 170 7.28 -19.08 5.25
C PHE A 170 8.05 -18.70 6.52
N ARG A 171 9.37 -18.97 6.56
CA ARG A 171 10.13 -18.65 7.77
C ARG A 171 10.32 -17.15 7.94
N PHE A 172 10.71 -16.44 6.86
CA PHE A 172 10.98 -15.01 7.00
C PHE A 172 9.70 -14.21 7.22
N ASN A 173 8.62 -14.53 6.49
CA ASN A 173 7.39 -13.80 6.75
C ASN A 173 6.90 -14.05 8.17
N ALA A 174 7.06 -15.27 8.68
CA ALA A 174 6.68 -15.52 10.06
C ALA A 174 7.49 -14.66 11.02
N LYS A 175 8.80 -14.55 10.78
CA LYS A 175 9.65 -13.68 11.59
C LYS A 175 9.19 -12.23 11.48
N PHE A 176 9.00 -11.75 10.25
CA PHE A 176 8.59 -10.36 10.07
C PHE A 176 7.28 -10.07 10.77
N ALA A 177 6.35 -11.02 10.74
CA ALA A 177 5.03 -10.82 11.34
C ALA A 177 5.10 -10.82 12.86
N VAL A 178 5.84 -11.75 13.43
CA VAL A 178 6.01 -11.76 14.89
C VAL A 178 6.71 -10.48 15.34
N GLU A 179 7.72 -10.05 14.59
CA GLU A 179 8.42 -8.81 14.94
C GLU A 179 7.51 -7.60 14.82
N LEU A 180 6.60 -7.60 13.83
CA LEU A 180 5.74 -6.45 13.62
C LEU A 180 4.82 -6.22 14.81
N GLU A 181 4.41 -7.30 15.49
CA GLU A 181 3.60 -7.14 16.69
C GLU A 181 4.33 -6.33 17.76
N GLY A 182 5.67 -6.34 17.75
CA GLY A 182 6.43 -5.56 18.71
C GLY A 182 6.57 -4.09 18.37
N GLU A 183 6.17 -3.68 17.17
CA GLU A 183 6.24 -2.26 16.79
C GLU A 183 5.00 -1.57 17.35
N GLN A 184 5.17 -0.90 18.48
CA GLN A 184 4.07 -0.35 19.24
C GLN A 184 4.28 1.15 19.46
N PRO A 185 3.22 1.91 19.66
CA PRO A 185 3.33 3.36 19.81
C PRO A 185 3.83 3.75 21.20
N ILE A 186 4.03 5.06 21.37
CA ILE A 186 4.42 5.64 22.65
C ILE A 186 3.19 5.70 23.56
N SER A 187 3.37 5.34 24.82
CA SER A 187 2.34 5.52 25.84
C SER A 187 2.80 6.60 26.81
N VAL A 188 1.87 7.48 27.19
CA VAL A 188 2.14 8.57 28.13
C VAL A 188 1.05 8.53 29.19
N PRO A 189 1.40 8.40 30.47
CA PRO A 189 0.39 8.41 31.54
C PRO A 189 -0.55 9.61 31.40
N PRO A 190 -1.84 9.43 31.71
CA PRO A 190 -2.45 8.22 32.26
C PRO A 190 -3.08 7.31 31.21
N SER A 191 -2.45 7.16 30.05
CA SER A 191 -3.03 6.38 28.96
C SER A 191 -2.02 5.36 28.45
N THR A 192 -2.53 4.21 28.03
CA THR A 192 -1.72 3.16 27.40
C THR A 192 -2.20 2.97 25.97
N ASN A 193 -1.27 2.90 25.02
CA ASN A 193 -1.59 2.71 23.62
C ASN A 193 -1.06 1.38 23.12
N HIS A 194 -1.87 0.70 22.32
CA HIS A 194 -1.53 -0.62 21.80
C HIS A 194 -2.03 -0.73 20.36
N THR A 195 -1.17 -1.19 19.44
CA THR A 195 -1.57 -1.40 18.05
C THR A 195 -1.92 -2.86 17.84
N VAL A 196 -3.10 -3.10 17.29
CA VAL A 196 -3.58 -4.43 16.92
C VAL A 196 -3.47 -4.56 15.41
N TYR A 197 -2.66 -5.51 14.93
CA TYR A 197 -2.48 -5.70 13.50
C TYR A 197 -3.57 -6.64 13.00
N ARG A 198 -4.72 -6.05 12.70
CA ARG A 198 -5.89 -6.80 12.23
C ARG A 198 -5.64 -7.33 10.82
N GLY A 199 -6.20 -8.50 10.54
CA GLY A 199 -6.37 -8.89 9.15
C GLY A 199 -7.34 -7.96 8.44
N LEU A 200 -7.32 -8.01 7.12
CA LEU A 200 -8.30 -7.25 6.36
C LEU A 200 -9.68 -7.86 6.54
N GLU A 201 -10.71 -7.02 6.61
CA GLU A 201 -12.08 -7.50 6.78
C GLU A 201 -12.65 -7.86 5.41
N GLY A 202 -12.95 -9.14 5.21
CA GLY A 202 -13.38 -9.67 3.93
C GLY A 202 -12.51 -10.86 3.59
N PHE A 203 -12.39 -11.15 2.29
CA PHE A 203 -11.50 -12.20 1.80
C PHE A 203 -10.53 -11.63 0.77
N VAL A 204 -9.39 -12.31 0.65
CA VAL A 204 -8.34 -11.96 -0.31
C VAL A 204 -8.35 -13.00 -1.42
N ALA A 205 -8.28 -12.55 -2.67
CA ALA A 205 -8.17 -13.46 -3.81
C ALA A 205 -6.71 -13.56 -4.21
N ALA A 206 -6.16 -14.78 -4.24
CA ALA A 206 -4.77 -15.00 -4.59
C ALA A 206 -4.74 -15.70 -5.93
N ILE A 207 -4.03 -15.12 -6.89
CA ILE A 207 -4.00 -15.57 -8.28
C ILE A 207 -2.53 -15.75 -8.64
N SER A 208 -2.09 -17.00 -8.80
CA SER A 208 -0.66 -17.28 -8.87
C SER A 208 -0.24 -17.77 -10.26
N PRO A 209 1.03 -17.58 -10.63
CA PRO A 209 1.51 -17.94 -11.96
C PRO A 209 2.08 -19.35 -12.00
N PHE A 210 2.32 -19.81 -13.23
CA PHE A 210 2.85 -21.16 -13.41
C PHE A 210 4.32 -21.30 -13.01
N ASN A 211 5.08 -20.20 -13.01
CA ASN A 211 6.51 -20.39 -13.20
C ASN A 211 7.29 -20.57 -11.90
N PHE A 212 6.70 -20.29 -10.74
CA PHE A 212 7.35 -20.55 -9.45
C PHE A 212 6.33 -21.16 -8.51
N THR A 213 6.59 -22.39 -8.07
CA THR A 213 5.75 -22.99 -7.04
C THR A 213 5.71 -22.12 -5.80
N ALA A 214 6.84 -21.50 -5.46
CA ALA A 214 6.96 -20.71 -4.23
C ALA A 214 6.05 -19.48 -4.26
N ILE A 215 5.81 -18.89 -5.44
CA ILE A 215 5.03 -17.66 -5.50
C ILE A 215 3.58 -17.93 -5.10
N GLY A 216 3.01 -19.04 -5.56
CA GLY A 216 1.66 -19.39 -5.14
C GLY A 216 1.57 -19.58 -3.65
N GLY A 217 2.54 -20.30 -3.08
CA GLY A 217 2.59 -20.45 -1.64
C GLY A 217 2.60 -19.11 -0.92
N ASN A 218 3.37 -18.15 -1.45
CA ASN A 218 3.47 -16.84 -0.81
C ASN A 218 2.22 -15.98 -1.04
N LEU A 219 1.65 -16.02 -2.25
CA LEU A 219 0.50 -15.17 -2.56
C LEU A 219 -0.69 -15.52 -1.70
N ALA A 220 -0.90 -16.81 -1.44
CA ALA A 220 -1.96 -17.25 -0.54
C ALA A 220 -1.52 -17.25 0.91
N GLY A 221 -0.28 -17.64 1.16
CA GLY A 221 0.20 -17.85 2.52
C GLY A 221 0.46 -16.58 3.32
N ALA A 222 1.06 -15.58 2.70
CA ALA A 222 1.36 -14.36 3.46
C ALA A 222 0.09 -13.67 3.92
N PRO A 223 -0.96 -13.49 3.10
CA PRO A 223 -2.19 -12.92 3.66
C PRO A 223 -2.79 -13.79 4.76
N ALA A 224 -2.83 -15.12 4.58
CA ALA A 224 -3.36 -15.98 5.63
C ALA A 224 -2.59 -15.81 6.94
N LEU A 225 -1.26 -15.73 6.86
CA LEU A 225 -0.44 -15.49 8.04
C LEU A 225 -0.89 -14.24 8.81
N MET A 226 -1.29 -13.20 8.09
CA MET A 226 -1.66 -11.95 8.73
C MET A 226 -3.12 -11.92 9.16
N GLY A 227 -3.79 -13.07 9.19
CA GLY A 227 -5.14 -13.15 9.70
C GLY A 227 -6.23 -13.03 8.67
N ASN A 228 -5.90 -13.11 7.38
CA ASN A 228 -6.89 -13.06 6.32
C ASN A 228 -7.36 -14.46 5.95
N VAL A 229 -8.50 -14.52 5.27
CA VAL A 229 -8.95 -15.74 4.62
C VAL A 229 -8.85 -15.53 3.11
N VAL A 230 -8.59 -16.62 2.37
CA VAL A 230 -8.08 -16.54 1.00
C VAL A 230 -8.84 -17.52 0.10
N LEU A 231 -9.23 -17.06 -1.08
CA LEU A 231 -9.54 -17.94 -2.21
C LEU A 231 -8.29 -17.97 -3.09
N TRP A 232 -7.68 -19.14 -3.21
CA TRP A 232 -6.46 -19.30 -4.00
C TRP A 232 -6.83 -19.96 -5.32
N LYS A 233 -6.67 -19.23 -6.42
CA LYS A 233 -6.74 -19.82 -7.76
C LYS A 233 -5.33 -20.12 -8.22
N PRO A 234 -4.86 -21.36 -8.13
CA PRO A 234 -3.52 -21.68 -8.63
C PRO A 234 -3.50 -21.75 -10.15
N SER A 235 -2.30 -21.68 -10.69
CA SER A 235 -2.12 -21.78 -12.14
C SER A 235 -2.43 -23.18 -12.63
N ASP A 236 -3.19 -23.27 -13.73
CA ASP A 236 -3.51 -24.56 -14.34
C ASP A 236 -2.26 -25.38 -14.60
N THR A 237 -1.20 -24.73 -15.06
CA THR A 237 -0.01 -25.45 -15.49
C THR A 237 0.95 -25.73 -14.34
N ALA A 238 0.56 -25.40 -13.10
CA ALA A 238 1.34 -25.73 -11.91
C ALA A 238 0.50 -26.42 -10.85
N MET A 239 -0.61 -27.05 -11.27
CA MET A 239 -1.59 -27.55 -10.31
C MET A 239 -0.99 -28.62 -9.38
N LEU A 240 -0.19 -29.53 -9.94
CA LEU A 240 0.30 -30.66 -9.15
C LEU A 240 1.11 -30.20 -7.95
N ALA A 241 2.10 -29.33 -8.17
CA ALA A 241 2.92 -28.84 -7.07
C ALA A 241 2.13 -27.88 -6.18
N SER A 242 1.26 -27.06 -6.76
CA SER A 242 0.44 -26.14 -5.96
C SER A 242 -0.42 -26.89 -4.96
N TYR A 243 -1.08 -27.97 -5.40
CA TYR A 243 -1.87 -28.75 -4.46
C TYR A 243 -1.00 -29.44 -3.41
N ALA A 244 0.23 -29.86 -3.77
CA ALA A 244 1.12 -30.44 -2.77
C ALA A 244 1.42 -29.43 -1.67
N VAL A 245 1.65 -28.18 -2.03
CA VAL A 245 1.87 -27.14 -1.05
C VAL A 245 0.61 -26.93 -0.20
N TYR A 246 -0.55 -26.87 -0.85
CA TYR A 246 -1.80 -26.70 -0.11
C TYR A 246 -1.97 -27.79 0.95
N ARG A 247 -1.73 -29.05 0.57
CA ARG A 247 -1.92 -30.15 1.52
C ARG A 247 -0.94 -30.06 2.67
N ILE A 248 0.29 -29.62 2.39
CA ILE A 248 1.27 -29.46 3.48
C ILE A 248 0.82 -28.40 4.47
N LEU A 249 0.28 -27.29 3.98
CA LEU A 249 -0.27 -26.27 4.87
C LEU A 249 -1.40 -26.82 5.72
N ARG A 250 -2.29 -27.62 5.11
CA ARG A 250 -3.38 -28.19 5.90
C ARG A 250 -2.84 -29.16 6.94
N GLU A 251 -1.87 -29.99 6.55
CA GLU A 251 -1.29 -30.95 7.49
C GLU A 251 -0.49 -30.28 8.59
N ALA A 252 0.07 -29.10 8.32
CA ALA A 252 0.80 -28.31 9.31
C ALA A 252 -0.12 -27.58 10.29
N GLY A 253 -1.43 -27.69 10.11
CA GLY A 253 -2.36 -27.13 11.08
C GLY A 253 -3.22 -25.99 10.59
N LEU A 254 -3.14 -25.61 9.31
CA LEU A 254 -4.04 -24.58 8.79
C LEU A 254 -5.49 -25.03 8.94
N PRO A 255 -6.33 -24.29 9.65
CA PRO A 255 -7.73 -24.70 9.87
C PRO A 255 -8.52 -24.70 8.59
N PRO A 256 -9.68 -25.37 8.56
CA PRO A 256 -10.51 -25.33 7.36
C PRO A 256 -11.05 -23.93 7.10
N ASN A 257 -11.17 -23.59 5.82
CA ASN A 257 -11.80 -22.39 5.28
C ASN A 257 -10.93 -21.16 5.45
N ILE A 258 -9.64 -21.33 5.76
CA ILE A 258 -8.72 -20.19 5.78
C ILE A 258 -8.12 -19.96 4.40
N ILE A 259 -7.72 -21.05 3.72
CA ILE A 259 -7.36 -21.00 2.32
C ILE A 259 -8.24 -21.99 1.58
N GLN A 260 -9.04 -21.49 0.64
CA GLN A 260 -9.84 -22.37 -0.21
C GLN A 260 -9.04 -22.65 -1.48
N PHE A 261 -8.96 -23.92 -1.88
CA PHE A 261 -8.19 -24.30 -3.06
C PHE A 261 -9.15 -24.36 -4.24
N VAL A 262 -9.15 -23.32 -5.08
CA VAL A 262 -10.21 -23.20 -6.08
C VAL A 262 -9.65 -22.88 -7.47
N PRO A 263 -9.08 -23.86 -8.15
CA PRO A 263 -8.81 -23.72 -9.60
C PRO A 263 -10.07 -23.26 -10.31
N ALA A 264 -9.89 -22.44 -11.33
CA ALA A 264 -11.03 -21.84 -12.01
C ALA A 264 -10.56 -21.23 -13.33
N ASP A 265 -11.51 -21.04 -14.23
CA ASP A 265 -11.25 -20.25 -15.42
C ASP A 265 -10.91 -18.83 -14.99
N GLY A 266 -9.87 -18.25 -15.60
CA GLY A 266 -9.37 -16.95 -15.17
C GLY A 266 -10.43 -15.87 -15.14
N PRO A 267 -11.10 -15.64 -16.27
CA PRO A 267 -12.16 -14.62 -16.28
C PRO A 267 -13.30 -14.91 -15.32
N THR A 268 -13.74 -16.18 -15.22
CA THR A 268 -14.79 -16.52 -14.27
C THR A 268 -14.37 -16.19 -12.83
N PHE A 269 -13.13 -16.52 -12.48
CA PHE A 269 -12.65 -16.24 -11.12
C PHE A 269 -12.60 -14.74 -10.85
N GLY A 270 -12.04 -13.99 -11.79
CA GLY A 270 -11.93 -12.55 -11.61
C GLY A 270 -13.29 -11.87 -11.55
N ASP A 271 -14.21 -12.28 -12.42
CA ASP A 271 -15.56 -11.73 -12.38
C ASP A 271 -16.23 -12.01 -11.04
N THR A 272 -16.07 -13.24 -10.54
CA THR A 272 -16.76 -13.61 -9.31
C THR A 272 -16.20 -12.86 -8.11
N VAL A 273 -14.88 -12.82 -7.95
CA VAL A 273 -14.34 -12.20 -6.74
C VAL A 273 -14.54 -10.69 -6.76
N THR A 274 -14.41 -10.06 -7.93
CA THR A 274 -14.62 -8.60 -7.99
C THR A 274 -16.10 -8.24 -7.92
N SER A 275 -17.01 -9.21 -7.99
CA SER A 275 -18.43 -9.00 -7.80
C SER A 275 -18.88 -9.14 -6.36
N SER A 276 -18.02 -9.63 -5.47
CA SER A 276 -18.39 -9.87 -4.09
C SER A 276 -18.23 -8.60 -3.28
N GLU A 277 -19.26 -8.26 -2.50
CA GLU A 277 -19.14 -7.10 -1.62
C GLU A 277 -18.07 -7.29 -0.54
N HIS A 278 -17.55 -8.51 -0.36
CA HIS A 278 -16.62 -8.82 0.71
C HIS A 278 -15.18 -8.91 0.23
N LEU A 279 -14.91 -8.60 -1.03
CA LEU A 279 -13.53 -8.58 -1.49
C LEU A 279 -12.74 -7.50 -0.76
N CYS A 280 -11.60 -7.87 -0.19
CA CYS A 280 -10.77 -6.83 0.43
C CYS A 280 -9.35 -6.79 -0.13
N GLY A 281 -8.98 -7.73 -0.99
CA GLY A 281 -7.66 -7.66 -1.61
C GLY A 281 -7.51 -8.66 -2.73
N ILE A 282 -6.61 -8.33 -3.63
CA ILE A 282 -6.18 -9.26 -4.67
C ILE A 282 -4.67 -9.31 -4.62
N ASN A 283 -4.12 -10.52 -4.50
CA ASN A 283 -2.69 -10.72 -4.49
C ASN A 283 -2.36 -11.48 -5.76
N PHE A 284 -1.80 -10.76 -6.74
CA PHE A 284 -1.71 -11.21 -8.12
C PHE A 284 -0.26 -11.28 -8.59
N THR A 285 0.05 -12.28 -9.41
CA THR A 285 1.29 -12.27 -10.20
C THR A 285 0.96 -12.90 -11.55
N GLY A 286 1.31 -12.19 -12.62
CA GLY A 286 0.87 -12.58 -13.97
C GLY A 286 1.06 -11.42 -14.94
N SER A 287 0.20 -11.40 -15.97
CA SER A 287 0.37 -10.43 -17.05
C SER A 287 -0.16 -9.05 -16.68
N VAL A 288 0.49 -8.00 -17.26
CA VAL A 288 -0.02 -6.63 -17.11
C VAL A 288 -1.49 -6.50 -17.52
N PRO A 289 -1.93 -6.99 -18.68
CA PRO A 289 -3.34 -6.76 -19.05
C PRO A 289 -4.32 -7.38 -18.07
N THR A 290 -4.02 -8.56 -17.54
CA THR A 290 -4.93 -9.17 -16.57
C THR A 290 -5.01 -8.34 -15.30
N PHE A 291 -3.86 -7.90 -14.79
CA PHE A 291 -3.86 -7.07 -13.59
C PHE A 291 -4.63 -5.77 -13.82
N LYS A 292 -4.44 -5.12 -14.98
CA LYS A 292 -5.21 -3.91 -15.28
C LYS A 292 -6.70 -4.22 -15.36
N HIS A 293 -7.06 -5.36 -15.94
CA HIS A 293 -8.47 -5.75 -16.02
C HIS A 293 -9.06 -5.88 -14.63
N LEU A 294 -8.37 -6.59 -13.73
CA LEU A 294 -8.88 -6.75 -12.37
C LEU A 294 -8.99 -5.39 -11.68
N TRP A 295 -7.97 -4.55 -11.83
CA TRP A 295 -8.00 -3.20 -11.27
C TRP A 295 -9.24 -2.44 -11.74
N ARG A 296 -9.56 -2.54 -13.03
CA ARG A 296 -10.70 -1.83 -13.56
C ARG A 296 -12.02 -2.43 -13.09
N GLN A 297 -12.07 -3.76 -12.92
CA GLN A 297 -13.28 -4.36 -12.37
C GLN A 297 -13.54 -3.90 -10.94
N VAL A 298 -12.48 -3.81 -10.14
CA VAL A 298 -12.65 -3.32 -8.77
C VAL A 298 -13.16 -1.88 -8.81
N ALA A 299 -12.58 -1.05 -9.67
CA ALA A 299 -13.00 0.35 -9.74
C ALA A 299 -14.46 0.47 -10.15
N GLN A 300 -14.89 -0.33 -11.14
CA GLN A 300 -16.27 -0.27 -11.57
C GLN A 300 -17.22 -0.61 -10.44
N ASN A 301 -16.81 -1.51 -9.54
CA ASN A 301 -17.68 -2.03 -8.49
C ASN A 301 -17.45 -1.39 -7.13
N LEU A 302 -16.75 -0.25 -7.08
CA LEU A 302 -16.40 0.35 -5.78
C LEU A 302 -17.61 0.55 -4.88
N ASP A 303 -18.78 0.82 -5.45
CA ASP A 303 -19.92 1.13 -4.59
C ASP A 303 -20.42 -0.07 -3.80
N ARG A 304 -20.11 -1.29 -4.23
CA ARG A 304 -20.63 -2.46 -3.52
C ARG A 304 -19.73 -2.94 -2.39
N PHE A 305 -18.43 -2.64 -2.43
CA PHE A 305 -17.54 -3.22 -1.44
C PHE A 305 -17.73 -2.57 -0.06
N ARG A 306 -17.53 -3.38 0.98
CA ARG A 306 -17.56 -2.86 2.34
C ARG A 306 -16.35 -2.00 2.64
N THR A 307 -15.21 -2.29 2.02
CA THR A 307 -14.04 -1.43 2.17
C THR A 307 -13.33 -1.35 0.83
N PHE A 308 -12.30 -0.51 0.77
CA PHE A 308 -11.53 -0.34 -0.46
C PHE A 308 -10.56 -1.49 -0.63
N PRO A 309 -10.73 -2.33 -1.65
CA PRO A 309 -9.84 -3.49 -1.80
C PRO A 309 -8.42 -3.08 -2.13
N ARG A 310 -7.47 -3.86 -1.65
CA ARG A 310 -6.05 -3.62 -1.88
C ARG A 310 -5.54 -4.53 -2.98
N LEU A 311 -5.03 -3.94 -4.05
CA LEU A 311 -4.50 -4.72 -5.16
C LEU A 311 -2.98 -4.72 -5.14
N ALA A 312 -2.41 -5.91 -5.15
CA ALA A 312 -0.96 -6.10 -5.22
C ALA A 312 -0.69 -6.91 -6.48
N GLY A 313 0.23 -6.44 -7.29
CA GLY A 313 0.54 -7.14 -8.53
C GLY A 313 2.00 -7.09 -8.91
N GLU A 314 2.56 -8.23 -9.29
CA GLU A 314 3.87 -8.26 -9.94
C GLU A 314 3.65 -8.78 -11.35
N CYS A 315 4.13 -8.05 -12.37
CA CYS A 315 3.62 -8.19 -13.72
C CYS A 315 4.70 -8.43 -14.77
N GLY A 316 5.89 -8.82 -14.38
CA GLY A 316 6.88 -9.18 -15.38
C GLY A 316 7.78 -8.02 -15.79
N GLY A 317 8.66 -8.30 -16.75
CA GLY A 317 9.66 -7.32 -17.12
C GLY A 317 10.27 -7.64 -18.47
N LYS A 318 11.07 -6.68 -18.96
CA LYS A 318 11.91 -6.88 -20.14
C LYS A 318 13.30 -6.50 -19.66
N ASN A 319 14.01 -7.46 -19.08
CA ASN A 319 15.14 -7.15 -18.22
C ASN A 319 16.45 -7.15 -19.00
N PHE A 320 17.38 -6.32 -18.56
CA PHE A 320 18.61 -6.08 -19.29
C PHE A 320 19.85 -6.62 -18.57
N HIS A 321 20.86 -7.00 -19.35
CA HIS A 321 22.25 -7.06 -18.91
C HIS A 321 23.01 -6.02 -19.71
N PHE A 322 23.56 -5.02 -19.04
CA PHE A 322 24.33 -3.97 -19.68
C PHE A 322 25.82 -4.19 -19.40
N VAL A 323 26.62 -4.24 -20.46
CA VAL A 323 28.05 -4.56 -20.34
C VAL A 323 28.86 -3.33 -20.68
N HIS A 324 29.78 -2.96 -19.78
CA HIS A 324 30.78 -1.93 -20.05
C HIS A 324 32.07 -2.61 -20.50
N SER A 325 32.89 -1.86 -21.23
CA SER A 325 34.10 -2.45 -21.82
C SER A 325 35.07 -2.98 -20.78
N SER A 326 34.95 -2.56 -19.51
CA SER A 326 35.80 -3.05 -18.43
C SER A 326 35.30 -4.35 -17.80
N ALA A 327 34.21 -4.93 -18.29
CA ALA A 327 33.60 -6.11 -17.66
C ALA A 327 34.51 -7.34 -17.74
N ASP A 328 34.28 -8.25 -16.80
CA ASP A 328 34.87 -9.59 -16.84
C ASP A 328 34.07 -10.43 -17.84
N VAL A 329 34.67 -10.76 -18.97
CA VAL A 329 33.92 -11.41 -20.05
C VAL A 329 33.35 -12.75 -19.58
N ASP A 330 34.14 -13.53 -18.84
CA ASP A 330 33.65 -14.86 -18.47
C ASP A 330 32.41 -14.77 -17.58
N SER A 331 32.35 -13.77 -16.70
CA SER A 331 31.16 -13.59 -15.87
C SER A 331 29.97 -13.11 -16.69
N VAL A 332 30.20 -12.19 -17.64
CA VAL A 332 29.16 -11.77 -18.57
C VAL A 332 28.56 -12.99 -19.26
N VAL A 333 29.42 -13.89 -19.75
CA VAL A 333 28.95 -15.01 -20.54
C VAL A 333 28.14 -15.98 -19.68
N SER A 334 28.70 -16.44 -18.55
CA SER A 334 27.96 -17.42 -17.77
C SER A 334 26.71 -16.80 -17.11
N GLY A 335 26.82 -15.56 -16.60
CA GLY A 335 25.65 -14.93 -16.01
C GLY A 335 24.53 -14.69 -17.00
N THR A 336 24.87 -14.34 -18.25
CA THR A 336 23.85 -14.09 -19.25
C THR A 336 23.23 -15.40 -19.75
N LEU A 337 24.05 -16.43 -19.94
CA LEU A 337 23.50 -17.73 -20.31
C LEU A 337 22.51 -18.22 -19.26
N ARG A 338 22.88 -18.12 -17.98
CA ARG A 338 21.96 -18.53 -16.93
C ARG A 338 20.71 -17.65 -16.90
N SER A 339 20.89 -16.32 -16.91
CA SER A 339 19.72 -15.46 -16.77
C SER A 339 18.76 -15.61 -17.95
N ALA A 340 19.29 -15.76 -19.15
CA ALA A 340 18.45 -15.79 -20.34
C ALA A 340 17.76 -17.12 -20.54
N PHE A 341 18.41 -18.23 -20.15
CA PHE A 341 17.97 -19.54 -20.59
C PHE A 341 17.56 -20.51 -19.49
N GLU A 342 17.94 -20.27 -18.23
CA GLU A 342 17.48 -21.18 -17.17
C GLU A 342 15.96 -21.18 -17.09
N TYR A 343 15.39 -22.36 -16.86
CA TYR A 343 13.94 -22.56 -16.95
C TYR A 343 13.37 -21.98 -18.25
N GLY A 344 14.14 -22.08 -19.33
CA GLY A 344 13.62 -21.67 -20.62
C GLY A 344 13.34 -20.20 -20.74
N GLY A 345 13.99 -19.36 -19.91
CA GLY A 345 13.67 -17.94 -19.94
C GLY A 345 12.33 -17.58 -19.35
N GLN A 346 11.67 -18.52 -18.68
CA GLN A 346 10.31 -18.30 -18.19
C GLN A 346 10.31 -17.70 -16.80
N LYS A 347 11.07 -16.61 -16.63
CA LYS A 347 11.14 -15.91 -15.36
C LYS A 347 10.81 -14.45 -15.59
N CYS A 348 10.07 -13.87 -14.64
CA CYS A 348 9.82 -12.42 -14.68
C CYS A 348 11.13 -11.63 -14.67
N SER A 349 12.21 -12.25 -14.20
CA SER A 349 13.51 -11.61 -13.98
C SER A 349 14.53 -11.94 -15.08
N ALA A 350 14.19 -12.79 -16.03
CA ALA A 350 15.16 -13.28 -17.00
C ALA A 350 15.69 -12.16 -17.88
N CYS A 351 16.99 -12.19 -18.16
CA CYS A 351 17.61 -11.28 -19.12
C CYS A 351 17.13 -11.63 -20.54
N SER A 352 16.54 -10.65 -21.23
CA SER A 352 16.21 -10.82 -22.64
C SER A 352 16.83 -9.77 -23.55
N ARG A 353 17.49 -8.74 -23.00
CA ARG A 353 18.23 -7.80 -23.84
C ARG A 353 19.63 -7.64 -23.26
N LEU A 354 20.63 -7.84 -24.10
CA LEU A 354 22.03 -7.74 -23.70
C LEU A 354 22.66 -6.62 -24.50
N TYR A 355 23.30 -5.68 -23.82
CA TYR A 355 23.94 -4.54 -24.45
C TYR A 355 25.46 -4.69 -24.33
N VAL A 356 26.15 -4.74 -25.46
CA VAL A 356 27.57 -5.09 -25.49
C VAL A 356 28.35 -4.03 -26.25
N PRO A 357 29.49 -3.55 -25.75
CA PRO A 357 30.30 -2.61 -26.53
C PRO A 357 31.03 -3.32 -27.67
N LYS A 358 31.19 -2.60 -28.78
CA LYS A 358 31.80 -3.19 -29.97
C LYS A 358 33.16 -3.81 -29.68
N SER A 359 33.95 -3.18 -28.79
CA SER A 359 35.30 -3.67 -28.50
C SER A 359 35.29 -5.07 -27.87
N LEU A 360 34.23 -5.43 -27.14
CA LEU A 360 34.11 -6.74 -26.50
C LEU A 360 33.28 -7.72 -27.31
N TRP A 361 32.62 -7.28 -28.37
CA TRP A 361 31.70 -8.16 -29.07
C TRP A 361 32.38 -9.39 -29.67
N PRO A 362 33.55 -9.30 -30.32
CA PRO A 362 34.17 -10.55 -30.81
C PRO A 362 34.36 -11.60 -29.72
N GLN A 363 34.78 -11.19 -28.52
CA GLN A 363 34.93 -12.13 -27.42
C GLN A 363 33.59 -12.69 -26.97
N ILE A 364 32.62 -11.80 -26.75
CA ILE A 364 31.37 -12.24 -26.14
C ILE A 364 30.57 -13.05 -27.13
N LYS A 365 30.57 -12.64 -28.41
CA LYS A 365 29.88 -13.42 -29.44
C LYS A 365 30.50 -14.81 -29.57
N GLY A 366 31.83 -14.87 -29.63
CA GLY A 366 32.49 -16.15 -29.79
C GLY A 366 32.22 -17.10 -28.62
N ARG A 367 32.29 -16.57 -27.40
CA ARG A 367 32.05 -17.40 -26.22
C ARG A 367 30.59 -17.79 -26.11
N LEU A 368 29.66 -16.85 -26.37
CA LEU A 368 28.24 -17.22 -26.33
C LEU A 368 27.92 -18.34 -27.31
N LEU A 369 28.46 -18.24 -28.53
CA LEU A 369 28.10 -19.21 -29.55
C LEU A 369 28.71 -20.58 -29.26
N GLU A 370 29.94 -20.62 -28.74
CA GLU A 370 30.55 -21.90 -28.38
C GLU A 370 29.83 -22.54 -27.20
N GLU A 371 29.57 -21.78 -26.15
CA GLU A 371 28.84 -22.34 -25.01
C GLU A 371 27.42 -22.75 -25.38
N HIS A 372 26.78 -22.00 -26.29
CA HIS A 372 25.44 -22.36 -26.75
C HIS A 372 25.39 -23.78 -27.30
N SER A 373 26.40 -24.18 -28.06
CA SER A 373 26.39 -25.51 -28.64
C SER A 373 26.48 -26.61 -27.58
N ARG A 374 26.90 -26.27 -26.36
CA ARG A 374 27.01 -27.24 -25.27
C ARG A 374 25.75 -27.32 -24.40
N ILE A 375 24.77 -26.44 -24.62
CA ILE A 375 23.57 -26.46 -23.79
C ILE A 375 22.72 -27.67 -24.17
N LYS A 376 22.39 -28.51 -23.18
CA LYS A 376 21.52 -29.65 -23.39
C LYS A 376 20.09 -29.29 -23.03
N VAL A 377 19.18 -29.45 -24.00
CA VAL A 377 17.74 -29.31 -23.78
C VAL A 377 17.14 -30.71 -23.86
N GLY A 378 16.35 -31.07 -22.86
CA GLY A 378 15.81 -32.42 -22.84
C GLY A 378 14.98 -32.67 -21.60
N ASP A 379 14.76 -33.96 -21.33
CA ASP A 379 13.94 -34.42 -20.21
C ASP A 379 14.68 -34.24 -18.89
N PRO A 380 14.21 -33.37 -17.98
CA PRO A 380 14.95 -33.12 -16.73
C PRO A 380 14.78 -34.21 -15.69
N ALA A 381 13.75 -35.05 -15.82
CA ALA A 381 13.58 -36.14 -14.88
C ALA A 381 14.47 -37.32 -15.23
N GLU A 382 14.74 -37.53 -16.52
CA GLU A 382 15.54 -38.66 -16.97
C GLU A 382 17.02 -38.33 -17.11
N ASP A 383 17.35 -37.08 -17.44
CA ASP A 383 18.72 -36.67 -17.74
C ASP A 383 19.05 -35.48 -16.86
N PHE A 384 19.79 -35.71 -15.78
CA PHE A 384 20.20 -34.58 -14.94
C PHE A 384 21.28 -33.72 -15.60
N GLY A 385 21.80 -34.12 -16.76
CA GLY A 385 22.67 -33.22 -17.51
C GLY A 385 21.96 -32.12 -18.26
N THR A 386 20.63 -32.15 -18.26
CA THR A 386 19.82 -31.14 -18.94
C THR A 386 20.02 -29.76 -18.33
N PHE A 387 20.30 -28.76 -19.18
CA PHE A 387 20.38 -27.39 -18.66
C PHE A 387 18.99 -26.78 -18.48
N PHE A 388 18.11 -26.91 -19.48
CA PHE A 388 16.70 -26.56 -19.29
C PHE A 388 15.85 -27.42 -20.22
N SER A 389 14.54 -27.42 -19.99
CA SER A 389 13.62 -28.32 -20.69
C SER A 389 12.57 -27.56 -21.50
N ALA A 390 11.51 -28.26 -21.88
CA ALA A 390 10.42 -27.66 -22.65
C ALA A 390 9.79 -26.47 -21.93
N VAL A 391 9.21 -25.55 -22.70
CA VAL A 391 8.42 -24.45 -22.15
C VAL A 391 7.06 -25.00 -21.73
N ILE A 392 6.26 -24.16 -21.05
CA ILE A 392 5.23 -24.69 -20.15
C ILE A 392 4.08 -25.34 -20.90
N ASP A 393 3.63 -24.76 -22.02
CA ASP A 393 2.42 -25.30 -22.65
C ASP A 393 2.36 -24.89 -24.12
N ALA A 394 1.27 -25.32 -24.78
CA ALA A 394 1.12 -25.08 -26.21
C ALA A 394 0.98 -23.59 -26.53
N LYS A 395 0.31 -22.84 -25.64
CA LYS A 395 0.18 -21.40 -25.83
C LYS A 395 1.54 -20.70 -25.79
N ALA A 396 2.38 -21.06 -24.81
CA ALA A 396 3.71 -20.45 -24.74
C ALA A 396 4.53 -20.82 -25.95
N PHE A 397 4.49 -22.10 -26.33
CA PHE A 397 5.22 -22.55 -27.52
C PHE A 397 4.82 -21.75 -28.75
N ALA A 398 3.51 -21.56 -28.95
CA ALA A 398 3.05 -20.83 -30.13
C ALA A 398 3.50 -19.37 -30.09
N ARG A 399 3.45 -18.74 -28.92
CA ARG A 399 3.89 -17.36 -28.79
C ARG A 399 5.36 -17.22 -29.10
N ILE A 400 6.18 -18.14 -28.57
CA ILE A 400 7.62 -18.05 -28.80
C ILE A 400 7.94 -18.30 -30.27
N LYS A 401 7.27 -19.27 -30.90
CA LYS A 401 7.51 -19.52 -32.31
C LYS A 401 7.22 -18.27 -33.15
N LYS A 402 6.18 -17.51 -32.79
CA LYS A 402 5.88 -16.27 -33.51
C LYS A 402 7.05 -15.29 -33.42
N TRP A 403 7.69 -15.22 -32.26
CA TRP A 403 8.84 -14.32 -32.14
C TRP A 403 10.03 -14.84 -32.94
N LEU A 404 10.24 -16.15 -32.99
CA LEU A 404 11.30 -16.69 -33.83
C LEU A 404 11.03 -16.42 -35.31
N GLU A 405 9.77 -16.55 -35.74
CA GLU A 405 9.42 -16.23 -37.12
C GLU A 405 9.61 -14.75 -37.41
N HIS A 406 9.34 -13.89 -36.42
CA HIS A 406 9.63 -12.47 -36.56
C HIS A 406 11.13 -12.23 -36.74
N ALA A 407 11.94 -12.94 -35.96
CA ALA A 407 13.39 -12.81 -36.03
C ALA A 407 13.94 -13.29 -37.37
N ARG A 408 13.23 -14.19 -38.07
CA ARG A 408 13.59 -14.60 -39.42
C ARG A 408 13.08 -13.64 -40.48
N SER A 409 12.28 -12.64 -40.12
CA SER A 409 11.65 -11.74 -41.09
C SER A 409 12.22 -10.33 -41.06
N SER A 410 12.59 -9.83 -39.91
CA SER A 410 12.91 -8.42 -39.71
C SER A 410 14.28 -8.08 -40.29
N PRO A 411 14.38 -6.95 -41.00
CA PRO A 411 15.66 -6.57 -41.59
C PRO A 411 16.74 -6.23 -40.56
N SER A 412 16.35 -5.91 -39.34
CA SER A 412 17.31 -5.53 -38.32
CA SER A 412 17.27 -5.52 -38.28
C SER A 412 17.70 -6.69 -37.41
N LEU A 413 17.11 -7.86 -37.58
CA LEU A 413 17.34 -8.99 -36.70
C LEU A 413 18.07 -10.11 -37.45
N SER A 414 18.95 -10.81 -36.72
CA SER A 414 19.66 -11.95 -37.27
CA SER A 414 19.65 -11.96 -37.26
C SER A 414 19.80 -13.01 -36.18
N ILE A 415 19.36 -14.23 -36.46
CA ILE A 415 19.50 -15.32 -35.50
C ILE A 415 20.94 -15.81 -35.59
N LEU A 416 21.69 -15.68 -34.49
CA LEU A 416 23.08 -16.10 -34.44
C LEU A 416 23.26 -17.55 -34.07
N ALA A 417 22.32 -18.08 -33.28
CA ALA A 417 22.37 -19.47 -32.84
C ALA A 417 20.97 -19.87 -32.41
N GLY A 418 20.65 -21.14 -32.60
CA GLY A 418 19.34 -21.62 -32.18
C GLY A 418 18.26 -21.24 -33.17
N GLY A 419 17.05 -21.16 -32.66
CA GLY A 419 15.90 -20.85 -33.50
C GLY A 419 15.02 -22.05 -33.81
N GLN A 420 15.43 -23.25 -33.41
CA GLN A 420 14.67 -24.47 -33.68
C GLN A 420 13.63 -24.71 -32.59
N CYS A 421 12.50 -25.31 -32.98
CA CYS A 421 11.51 -25.74 -32.00
C CYS A 421 10.77 -26.96 -32.54
N ASN A 422 10.27 -27.79 -31.62
CA ASN A 422 9.64 -29.07 -31.99
C ASN A 422 8.66 -29.42 -30.89
N GLU A 423 7.35 -29.49 -31.20
CA GLU A 423 6.39 -29.81 -30.15
C GLU A 423 5.78 -31.21 -30.31
N SER A 424 6.47 -32.13 -30.99
CA SER A 424 5.88 -33.46 -31.22
C SER A 424 5.84 -34.31 -29.95
N VAL A 425 6.79 -34.12 -29.04
CA VAL A 425 6.87 -34.89 -27.80
C VAL A 425 6.67 -34.01 -26.58
N GLY A 426 7.47 -32.93 -26.48
CA GLY A 426 7.24 -31.89 -25.50
C GLY A 426 7.26 -30.55 -26.22
N TYR A 427 7.05 -29.48 -25.46
CA TYR A 427 7.04 -28.13 -26.04
C TYR A 427 8.47 -27.58 -26.07
N TYR A 428 9.29 -28.17 -26.95
CA TYR A 428 10.73 -27.93 -26.91
C TYR A 428 11.14 -26.77 -27.81
N VAL A 429 11.79 -25.77 -27.21
CA VAL A 429 12.37 -24.63 -27.92
C VAL A 429 13.86 -24.59 -27.58
N GLU A 430 14.70 -24.59 -28.62
CA GLU A 430 16.13 -24.46 -28.38
C GLU A 430 16.44 -23.04 -27.91
N PRO A 431 17.52 -22.86 -27.14
CA PRO A 431 17.92 -21.49 -26.79
C PRO A 431 18.30 -20.72 -28.04
N CYS A 432 17.87 -19.47 -28.11
CA CYS A 432 18.05 -18.68 -29.32
C CYS A 432 18.77 -17.38 -28.97
N ILE A 433 19.82 -17.06 -29.72
CA ILE A 433 20.56 -15.81 -29.57
C ILE A 433 20.38 -15.02 -30.86
N ILE A 434 19.87 -13.80 -30.72
CA ILE A 434 19.57 -12.92 -31.85
C ILE A 434 20.37 -11.64 -31.69
N GLU A 435 20.89 -11.11 -32.79
CA GLU A 435 21.45 -9.76 -32.77
C GLU A 435 20.47 -8.79 -33.43
N SER A 436 20.23 -7.67 -32.78
CA SER A 436 19.43 -6.59 -33.35
C SER A 436 20.33 -5.40 -33.67
N LYS A 437 20.20 -4.88 -34.89
CA LYS A 437 20.84 -3.62 -35.25
C LYS A 437 20.03 -2.41 -34.79
N ASP A 438 18.81 -2.62 -34.33
CA ASP A 438 17.88 -1.56 -33.93
C ASP A 438 17.63 -1.68 -32.44
N PRO A 439 18.15 -0.77 -31.62
CA PRO A 439 17.99 -0.93 -30.16
C PRO A 439 16.55 -0.81 -29.69
N GLN A 440 15.63 -0.34 -30.54
CA GLN A 440 14.23 -0.25 -30.14
C GLN A 440 13.32 -1.12 -31.00
N GLU A 441 13.85 -2.17 -31.62
CA GLU A 441 13.02 -3.19 -32.27
C GLU A 441 11.98 -3.75 -31.30
N PRO A 442 10.79 -4.15 -31.77
CA PRO A 442 9.80 -4.76 -30.85
C PRO A 442 10.36 -5.89 -30.01
N ILE A 443 11.29 -6.70 -30.53
CA ILE A 443 11.85 -7.78 -29.74
C ILE A 443 12.69 -7.27 -28.57
N MET A 444 13.11 -6.00 -28.61
CA MET A 444 13.82 -5.40 -27.49
C MET A 444 12.89 -4.84 -26.43
N LYS A 445 11.58 -4.83 -26.70
CA LYS A 445 10.60 -4.15 -25.86
C LYS A 445 9.58 -5.08 -25.23
N GLU A 446 9.21 -6.16 -25.89
CA GLU A 446 8.06 -6.98 -25.50
C GLU A 446 8.53 -8.26 -24.82
N GLU A 447 7.82 -8.64 -23.75
CA GLU A 447 8.20 -9.80 -22.96
C GLU A 447 7.81 -11.08 -23.67
N ILE A 448 8.80 -11.94 -23.95
CA ILE A 448 8.57 -13.19 -24.68
C ILE A 448 8.30 -14.36 -23.74
N PHE A 449 8.97 -14.38 -22.58
CA PHE A 449 8.88 -15.50 -21.63
C PHE A 449 9.26 -16.82 -22.30
N GLY A 450 10.39 -16.80 -23.00
CA GLY A 450 10.94 -17.97 -23.63
C GLY A 450 12.44 -17.82 -23.71
N PRO A 451 13.15 -18.83 -24.24
CA PRO A 451 14.62 -18.82 -24.18
C PRO A 451 15.21 -18.04 -25.36
N VAL A 452 14.95 -16.73 -25.36
CA VAL A 452 15.21 -15.86 -26.50
C VAL A 452 15.98 -14.64 -26.01
N LEU A 453 17.24 -14.53 -26.38
CA LEU A 453 18.10 -13.43 -25.98
C LEU A 453 18.40 -12.56 -27.19
N THR A 454 18.16 -11.26 -27.06
CA THR A 454 18.50 -10.31 -28.13
C THR A 454 19.67 -9.43 -27.69
N VAL A 455 20.66 -9.29 -28.56
CA VAL A 455 21.88 -8.54 -28.26
C VAL A 455 21.91 -7.29 -29.12
N TYR A 456 22.24 -6.16 -28.50
CA TYR A 456 22.48 -4.92 -29.21
C TYR A 456 23.92 -4.49 -28.96
N VAL A 457 24.66 -4.26 -30.04
CA VAL A 457 26.08 -3.93 -29.97
C VAL A 457 26.21 -2.43 -30.15
N TYR A 458 26.77 -1.75 -29.14
CA TYR A 458 26.86 -0.30 -29.20
C TYR A 458 28.32 0.15 -29.34
N PRO A 459 28.55 1.27 -30.02
CA PRO A 459 29.92 1.80 -30.13
C PRO A 459 30.43 2.25 -28.77
N ASP A 460 31.70 1.95 -28.50
CA ASP A 460 32.26 2.23 -27.18
C ASP A 460 32.07 3.70 -26.79
N ASP A 461 32.22 4.60 -27.76
CA ASP A 461 32.11 6.02 -27.47
C ASP A 461 30.67 6.50 -27.28
N LYS A 462 29.68 5.67 -27.61
CA LYS A 462 28.27 5.97 -27.38
C LYS A 462 27.74 5.32 -26.11
N TYR A 463 28.62 5.13 -25.13
CA TYR A 463 28.27 4.45 -23.90
C TYR A 463 27.15 5.15 -23.15
N ARG A 464 27.26 6.48 -22.96
CA ARG A 464 26.27 7.17 -22.15
C ARG A 464 24.92 7.22 -22.85
N GLU A 465 24.94 7.44 -24.17
CA GLU A 465 23.70 7.41 -24.95
C GLU A 465 23.03 6.06 -24.86
N THR A 466 23.82 4.98 -24.81
CA THR A 466 23.24 3.65 -24.73
C THR A 466 22.64 3.39 -23.35
N LEU A 467 23.30 3.88 -22.29
CA LEU A 467 22.69 3.80 -20.96
C LEU A 467 21.31 4.43 -20.94
N LYS A 468 21.16 5.58 -21.59
CA LYS A 468 19.85 6.22 -21.65
C LYS A 468 18.85 5.35 -22.41
N LEU A 469 19.31 4.66 -23.47
CA LEU A 469 18.44 3.74 -24.17
C LEU A 469 17.99 2.60 -23.28
N VAL A 470 18.89 2.06 -22.44
CA VAL A 470 18.48 0.99 -21.55
C VAL A 470 17.28 1.42 -20.73
N ASP A 471 17.33 2.66 -20.26
CA ASP A 471 16.29 3.22 -19.38
C ASP A 471 15.00 3.54 -20.14
N SER A 472 15.11 3.99 -21.39
CA SER A 472 13.96 4.57 -22.09
C SER A 472 13.24 3.61 -23.04
N THR A 473 13.81 2.43 -23.32
CA THR A 473 13.30 1.62 -24.42
C THR A 473 12.03 0.85 -24.09
N THR A 474 11.91 0.33 -22.87
CA THR A 474 10.79 -0.53 -22.53
C THR A 474 9.85 0.16 -21.54
N SER A 475 8.70 -0.46 -21.33
CA SER A 475 7.75 0.04 -20.36
C SER A 475 7.95 -0.55 -18.97
N TYR A 476 8.96 -1.40 -18.79
CA TYR A 476 9.09 -2.23 -17.59
C TYR A 476 10.19 -1.71 -16.67
N GLY A 477 10.19 -2.22 -15.45
CA GLY A 477 11.19 -1.76 -14.50
C GLY A 477 11.56 -2.79 -13.45
N LEU A 478 11.73 -4.05 -13.86
CA LEU A 478 11.85 -5.12 -12.88
C LEU A 478 13.32 -5.41 -12.55
N THR A 479 14.04 -6.14 -13.39
CA THR A 479 15.45 -6.40 -13.04
C THR A 479 16.39 -5.90 -14.13
N GLY A 480 17.65 -5.75 -13.74
CA GLY A 480 18.70 -5.40 -14.67
C GLY A 480 20.04 -5.53 -14.01
N ALA A 481 21.07 -5.70 -14.83
CA ALA A 481 22.42 -5.90 -14.33
C ALA A 481 23.38 -5.03 -15.12
N VAL A 482 24.43 -4.57 -14.43
CA VAL A 482 25.55 -3.88 -15.06
C VAL A 482 26.81 -4.67 -14.76
N PHE A 483 27.58 -4.98 -15.81
CA PHE A 483 28.87 -5.64 -15.66
C PHE A 483 29.96 -4.62 -15.99
N ALA A 484 30.82 -4.35 -15.01
CA ALA A 484 31.88 -3.37 -15.16
C ALA A 484 32.82 -3.52 -13.98
N GLN A 485 34.11 -3.29 -14.21
CA GLN A 485 35.09 -3.31 -13.13
C GLN A 485 35.62 -1.92 -12.82
N ASP A 486 35.00 -0.89 -13.36
CA ASP A 486 35.39 0.49 -13.17
C ASP A 486 34.41 1.12 -12.19
N LYS A 487 34.94 1.56 -11.03
CA LYS A 487 34.06 2.07 -9.96
C LYS A 487 33.25 3.28 -10.43
N ALA A 488 33.89 4.24 -11.10
CA ALA A 488 33.18 5.42 -11.55
C ALA A 488 32.05 5.05 -12.52
N ILE A 489 32.29 4.05 -13.38
CA ILE A 489 31.26 3.61 -14.32
C ILE A 489 30.08 2.98 -13.57
N VAL A 490 30.37 2.12 -12.59
CA VAL A 490 29.31 1.51 -11.80
C VAL A 490 28.48 2.57 -11.08
N GLN A 491 29.14 3.56 -10.48
CA GLN A 491 28.40 4.62 -9.80
C GLN A 491 27.51 5.38 -10.77
N GLU A 492 28.03 5.68 -11.96
CA GLU A 492 27.24 6.41 -12.95
C GLU A 492 26.07 5.58 -13.44
N ALA A 493 26.32 4.30 -13.78
CA ALA A 493 25.24 3.45 -14.25
C ALA A 493 24.17 3.29 -13.18
N THR A 494 24.58 3.14 -11.92
CA THR A 494 23.63 2.97 -10.83
C THR A 494 22.69 4.17 -10.73
N ARG A 495 23.22 5.38 -10.88
CA ARG A 495 22.36 6.55 -10.82
C ARG A 495 21.44 6.62 -12.04
N MET A 496 21.98 6.37 -13.24
CA MET A 496 21.18 6.51 -14.45
CA MET A 496 21.20 6.51 -14.46
C MET A 496 20.09 5.47 -14.57
N LEU A 497 20.30 4.27 -13.99
CA LEU A 497 19.32 3.20 -14.10
C LEU A 497 18.47 3.04 -12.84
N ARG A 498 18.46 4.07 -12.00
CA ARG A 498 17.76 4.02 -10.71
C ARG A 498 16.33 3.54 -10.83
N ASN A 499 15.61 3.96 -11.88
CA ASN A 499 14.22 3.55 -12.03
C ASN A 499 14.01 2.56 -13.18
N ALA A 500 15.10 2.07 -13.77
CA ALA A 500 14.99 1.03 -14.79
C ALA A 500 14.88 -0.37 -14.20
N ALA A 501 15.17 -0.54 -12.90
CA ALA A 501 15.12 -1.86 -12.29
C ALA A 501 14.85 -1.71 -10.80
N GLY A 502 13.88 -2.47 -10.28
CA GLY A 502 13.71 -2.52 -8.84
C GLY A 502 14.61 -3.51 -8.15
N ASN A 503 15.14 -4.48 -8.90
CA ASN A 503 16.20 -5.36 -8.44
C ASN A 503 17.36 -5.16 -9.40
N PHE A 504 18.43 -4.55 -8.90
CA PHE A 504 19.54 -4.11 -9.73
C PHE A 504 20.80 -4.85 -9.30
N TYR A 505 21.56 -5.33 -10.26
CA TYR A 505 22.67 -6.23 -9.99
C TYR A 505 23.95 -5.65 -10.57
N ILE A 506 25.02 -5.68 -9.78
CA ILE A 506 26.33 -5.23 -10.23
C ILE A 506 27.21 -6.48 -10.31
N ASN A 507 27.64 -6.82 -11.53
CA ASN A 507 28.50 -7.98 -11.76
C ASN A 507 27.87 -9.28 -11.27
N ASP A 508 26.55 -9.40 -11.44
CA ASP A 508 25.86 -10.66 -11.20
C ASP A 508 24.66 -10.70 -12.14
N LYS A 509 24.08 -11.89 -12.29
CA LYS A 509 22.98 -12.06 -13.23
C LYS A 509 21.67 -11.49 -12.67
N SER A 510 20.73 -11.23 -13.58
CA SER A 510 19.50 -10.53 -13.22
C SER A 510 18.45 -11.41 -12.57
N THR A 511 18.67 -12.72 -12.46
CA THR A 511 17.71 -13.66 -11.87
C THR A 511 18.19 -14.12 -10.51
N GLY A 512 17.33 -14.85 -9.82
CA GLY A 512 17.74 -15.57 -8.62
C GLY A 512 17.79 -14.76 -7.35
N SER A 513 16.84 -13.84 -7.16
CA SER A 513 16.76 -13.12 -5.90
C SER A 513 16.48 -14.12 -4.78
N VAL A 514 17.01 -13.81 -3.60
CA VAL A 514 16.94 -14.68 -2.43
C VAL A 514 16.18 -13.95 -1.33
N VAL A 515 15.20 -14.64 -0.74
CA VAL A 515 14.38 -14.02 0.30
C VAL A 515 15.25 -13.48 1.42
N GLY A 516 14.93 -12.26 1.88
CA GLY A 516 15.67 -11.62 2.94
C GLY A 516 16.96 -10.95 2.50
N GLN A 517 17.45 -11.26 1.31
CA GLN A 517 18.67 -10.68 0.77
C GLN A 517 18.39 -9.73 -0.38
N GLN A 518 17.56 -10.14 -1.34
CA GLN A 518 17.08 -9.27 -2.41
C GLN A 518 15.56 -9.32 -2.46
N PRO A 519 14.88 -8.55 -1.63
CA PRO A 519 13.43 -8.42 -1.77
C PRO A 519 13.08 -8.02 -3.20
N PHE A 520 12.03 -8.63 -3.75
CA PHE A 520 11.85 -8.67 -5.20
C PHE A 520 10.65 -7.83 -5.65
N GLY A 521 10.85 -7.05 -6.69
CA GLY A 521 9.76 -6.32 -7.32
C GLY A 521 10.28 -5.05 -7.97
N GLY A 522 9.44 -4.49 -8.85
CA GLY A 522 9.80 -3.23 -9.47
C GLY A 522 8.56 -2.47 -9.87
N ALA A 523 8.77 -1.22 -10.26
CA ALA A 523 7.68 -0.35 -10.66
C ALA A 523 7.58 -0.21 -12.18
N ARG A 524 7.28 0.99 -12.68
CA ARG A 524 6.84 1.17 -14.09
C ARG A 524 5.75 0.13 -14.37
N ALA A 525 5.78 -0.57 -15.51
CA ALA A 525 4.68 -1.49 -15.77
C ALA A 525 4.84 -2.82 -15.04
N SER A 526 5.91 -3.01 -14.28
CA SER A 526 6.17 -4.29 -13.64
C SER A 526 5.36 -4.51 -12.36
N GLY A 527 4.59 -3.53 -11.90
CA GLY A 527 3.66 -3.82 -10.84
C GLY A 527 3.67 -2.77 -9.76
N THR A 528 3.11 -3.16 -8.60
CA THR A 528 2.96 -2.27 -7.47
C THR A 528 4.18 -2.26 -6.55
N ASN A 529 5.14 -3.14 -6.79
CA ASN A 529 6.42 -3.18 -6.07
C ASN A 529 6.25 -3.24 -4.55
N ASP A 530 5.52 -4.25 -4.10
CA ASP A 530 5.32 -4.46 -2.66
C ASP A 530 6.46 -5.26 -2.02
N LYS A 531 7.44 -5.69 -2.81
CA LYS A 531 8.68 -6.32 -2.32
C LYS A 531 8.46 -7.55 -1.43
N PRO A 532 7.77 -8.57 -1.94
CA PRO A 532 7.81 -9.88 -1.26
C PRO A 532 9.26 -10.34 -1.10
N GLY A 533 9.54 -10.94 0.05
CA GLY A 533 10.89 -11.29 0.42
C GLY A 533 11.54 -10.27 1.33
N GLY A 534 10.93 -9.12 1.51
CA GLY A 534 11.40 -8.14 2.46
C GLY A 534 10.44 -7.97 3.61
N PRO A 535 10.82 -7.13 4.58
CA PRO A 535 10.06 -7.02 5.83
C PRO A 535 8.76 -6.23 5.72
N HIS A 536 8.53 -5.50 4.63
CA HIS A 536 7.36 -4.62 4.55
C HIS A 536 6.19 -5.23 3.79
N TYR A 537 6.43 -6.31 3.05
CA TYR A 537 5.38 -6.93 2.24
C TYR A 537 4.13 -7.25 3.05
N ILE A 538 4.30 -7.78 4.26
CA ILE A 538 3.14 -8.21 5.04
C ILE A 538 2.25 -7.03 5.45
N LEU A 539 2.79 -5.80 5.46
CA LEU A 539 1.98 -4.64 5.80
C LEU A 539 0.85 -4.41 4.82
N ARG A 540 0.94 -4.90 3.58
CA ARG A 540 -0.19 -4.75 2.69
C ARG A 540 -1.38 -5.58 3.12
N TRP A 541 -1.18 -6.59 3.98
CA TRP A 541 -2.25 -7.52 4.33
C TRP A 541 -2.73 -7.33 5.76
N THR A 542 -2.38 -6.21 6.39
CA THR A 542 -2.90 -5.90 7.72
C THR A 542 -3.47 -4.49 7.70
N SER A 543 -4.51 -4.28 8.50
CA SER A 543 -5.14 -2.97 8.65
C SER A 543 -5.09 -2.63 10.12
N PRO A 544 -4.13 -1.83 10.57
CA PRO A 544 -3.90 -1.69 12.01
C PRO A 544 -5.02 -0.92 12.70
N GLN A 545 -5.28 -1.34 13.94
CA GLN A 545 -6.17 -0.65 14.85
C GLN A 545 -5.34 -0.20 16.03
N VAL A 546 -5.55 1.03 16.50
CA VAL A 546 -4.83 1.56 17.66
C VAL A 546 -5.84 1.71 18.78
N ILE A 547 -5.55 1.10 19.93
CA ILE A 547 -6.40 1.17 21.10
C ILE A 547 -5.72 2.04 22.14
N LYS A 548 -6.41 3.10 22.56
CA LYS A 548 -5.96 3.95 23.67
C LYS A 548 -6.84 3.69 24.87
N GLU A 549 -6.21 3.33 25.99
CA GLU A 549 -6.93 3.11 27.24
C GLU A 549 -6.47 4.14 28.26
N THR A 550 -7.42 4.86 28.82
CA THR A 550 -7.12 5.91 29.79
C THR A 550 -7.55 5.45 31.17
N HIS A 551 -6.67 5.61 32.15
CA HIS A 551 -6.84 5.00 33.46
C HIS A 551 -7.19 6.00 34.55
N LYS A 552 -7.57 7.21 34.19
CA LYS A 552 -8.04 8.22 35.15
C LYS A 552 -9.29 8.89 34.59
N PRO A 553 -10.14 9.44 35.46
CA PRO A 553 -11.33 10.14 34.97
C PRO A 553 -10.94 11.35 34.14
N LEU A 554 -11.83 11.72 33.21
CA LEU A 554 -11.50 12.71 32.21
C LEU A 554 -11.51 14.14 32.74
N GLY A 555 -12.34 14.43 33.73
CA GLY A 555 -12.41 15.79 34.23
C GLY A 555 -13.35 16.66 33.40
N ASP A 556 -13.23 17.96 33.58
CA ASP A 556 -14.23 18.84 32.98
C ASP A 556 -13.95 19.06 31.49
N TRP A 557 -15.01 19.39 30.76
CA TRP A 557 -14.93 19.66 29.32
C TRP A 557 -14.36 21.04 29.01
N ARG A 558 -14.44 21.99 29.93
CA ARG A 558 -13.86 23.31 29.73
C ARG A 558 -12.33 23.23 29.81
N TYR A 559 -11.68 24.28 29.32
CA TYR A 559 -10.23 24.42 29.37
C TYR A 559 -9.85 25.61 30.24
N SER A 560 -8.65 25.55 30.83
CA SER A 560 -8.29 26.57 31.82
C SER A 560 -8.13 27.95 31.20
N TYR A 561 -7.68 28.02 29.95
CA TYR A 561 -7.49 29.32 29.30
C TYR A 561 -8.83 30.03 29.07
N MET A 562 -9.95 29.30 29.09
CA MET A 562 -11.26 29.88 28.88
C MET A 562 -11.74 30.70 30.08
N GLN A 563 -11.13 30.51 31.24
CA GLN A 563 -11.59 31.17 32.46
C GLN A 563 -11.03 32.58 32.57
N SER B 29 20.23 8.11 13.29
CA SER B 29 19.06 8.09 14.18
C SER B 29 18.73 9.50 14.69
N LEU B 30 17.47 9.68 15.10
CA LEU B 30 16.97 11.00 15.47
C LEU B 30 16.15 10.89 16.74
N LYS B 31 16.35 11.83 17.66
CA LYS B 31 15.62 11.88 18.92
C LYS B 31 14.58 13.00 18.83
N VAL B 32 13.31 12.63 18.83
CA VAL B 32 12.22 13.60 18.81
C VAL B 32 11.22 13.21 19.89
N ALA B 33 10.46 14.21 20.36
CA ALA B 33 9.37 14.00 21.30
C ALA B 33 8.19 14.85 20.84
N ASN B 34 7.00 14.55 21.37
CA ASN B 34 5.83 15.32 21.00
C ASN B 34 5.98 16.77 21.43
N GLU B 35 5.39 17.65 20.64
CA GLU B 35 5.43 19.08 20.95
C GLU B 35 4.53 19.37 22.14
N PRO B 36 5.02 20.05 23.18
CA PRO B 36 4.17 20.36 24.33
C PRO B 36 3.04 21.31 23.96
N ILE B 37 1.85 21.02 24.50
CA ILE B 37 0.71 21.90 24.34
C ILE B 37 0.85 23.06 25.32
N LEU B 38 0.70 24.29 24.82
CA LEU B 38 0.84 25.46 25.68
C LEU B 38 -0.48 25.76 26.39
N ALA B 39 -0.36 26.44 27.54
CA ALA B 39 -1.50 26.69 28.42
C ALA B 39 -2.28 27.95 28.09
N PHE B 40 -1.64 28.96 27.49
CA PHE B 40 -2.29 30.22 27.14
C PHE B 40 -2.98 30.86 28.35
N SER B 41 -2.33 30.77 29.50
CA SER B 41 -2.82 31.43 30.71
C SER B 41 -2.69 32.95 30.59
N GLN B 42 -3.45 33.65 31.43
CA GLN B 42 -3.41 35.11 31.43
C GLN B 42 -2.01 35.61 31.70
N GLY B 43 -1.57 36.59 30.89
CA GLY B 43 -0.26 37.16 31.03
C GLY B 43 0.87 36.36 30.44
N SER B 44 0.60 35.17 29.90
CA SER B 44 1.66 34.34 29.35
C SER B 44 2.15 34.90 28.02
N PRO B 45 3.41 34.64 27.66
CA PRO B 45 3.92 35.17 26.38
C PRO B 45 3.17 34.63 25.18
N GLU B 46 2.75 33.35 25.22
CA GLU B 46 2.05 32.81 24.07
C GLU B 46 0.64 33.39 23.94
N ARG B 47 -0.04 33.68 25.05
CA ARG B 47 -1.34 34.34 24.95
C ARG B 47 -1.18 35.76 24.39
N ASP B 48 -0.16 36.50 24.85
CA ASP B 48 0.07 37.84 24.32
C ASP B 48 0.45 37.80 22.85
N ALA B 49 1.28 36.84 22.46
CA ALA B 49 1.68 36.73 21.05
C ALA B 49 0.49 36.40 20.17
N LEU B 50 -0.39 35.52 20.65
CA LEU B 50 -1.56 35.15 19.83
C LEU B 50 -2.52 36.32 19.70
N GLN B 51 -2.77 37.03 20.81
CA GLN B 51 -3.67 38.18 20.74
C GLN B 51 -3.15 39.24 19.78
N LYS B 52 -1.81 39.39 19.72
CA LYS B 52 -1.27 40.36 18.76
C LYS B 52 -1.44 39.88 17.33
N ALA B 53 -1.20 38.58 17.09
CA ALA B 53 -1.40 38.04 15.75
C ALA B 53 -2.85 38.15 15.32
N LEU B 54 -3.79 37.91 16.26
CA LEU B 54 -5.21 38.05 15.93
C LEU B 54 -5.56 39.48 15.58
N LYS B 55 -5.03 40.43 16.35
CA LYS B 55 -5.25 41.84 16.07
C LYS B 55 -4.72 42.22 14.69
N ASP B 56 -3.57 41.66 14.31
CA ASP B 56 -2.98 41.94 13.01
C ASP B 56 -3.83 41.40 11.87
N LEU B 57 -4.61 40.33 12.10
CA LEU B 57 -5.46 39.76 11.05
C LEU B 57 -6.84 40.38 10.97
N LYS B 58 -7.30 41.02 12.04
N LYS B 58 -7.30 41.06 12.01
CA LYS B 58 -8.59 41.70 12.02
CA LYS B 58 -8.73 41.36 12.16
C LYS B 58 -8.53 42.82 10.98
C LYS B 58 -9.30 42.13 10.97
N GLY B 59 -9.46 42.80 10.04
N GLY B 59 -8.54 43.09 10.43
CA GLY B 59 -9.51 43.77 8.99
CA GLY B 59 -9.06 43.89 9.33
C GLY B 59 -8.65 43.48 7.78
C GLY B 59 -8.45 43.61 7.99
N GLN B 60 -7.80 42.46 7.84
CA GLN B 60 -6.90 42.19 6.72
C GLN B 60 -7.42 41.11 5.77
N THR B 61 -7.12 41.30 4.49
CA THR B 61 -7.30 40.29 3.44
C THR B 61 -5.95 40.02 2.79
N GLU B 62 -5.50 38.77 2.81
CA GLU B 62 -4.24 38.43 2.15
C GLU B 62 -4.52 37.96 0.72
N ALA B 63 -3.76 38.49 -0.24
CA ALA B 63 -3.84 38.05 -1.63
C ALA B 63 -2.84 36.91 -1.80
N ILE B 64 -3.36 35.70 -2.02
CA ILE B 64 -2.57 34.47 -2.02
C ILE B 64 -2.50 33.94 -3.45
N PRO B 65 -1.33 33.97 -4.10
CA PRO B 65 -1.21 33.48 -5.46
C PRO B 65 -1.02 31.97 -5.49
N CYS B 66 -1.16 31.41 -6.68
CA CYS B 66 -0.57 30.10 -6.94
C CYS B 66 0.95 30.28 -6.98
N VAL B 67 1.67 29.25 -6.54
CA VAL B 67 3.13 29.28 -6.59
C VAL B 67 3.62 28.05 -7.36
N VAL B 68 4.34 28.31 -8.44
CA VAL B 68 4.95 27.26 -9.26
C VAL B 68 6.43 27.59 -9.34
N GLY B 69 7.26 26.70 -8.80
CA GLY B 69 8.65 27.04 -8.58
C GLY B 69 8.74 28.16 -7.56
N ASP B 70 9.33 29.28 -7.95
CA ASP B 70 9.34 30.50 -7.14
C ASP B 70 8.46 31.60 -7.73
N GLU B 71 7.61 31.28 -8.68
CA GLU B 71 6.83 32.29 -9.39
C GLU B 71 5.43 32.38 -8.76
N GLU B 72 5.02 33.60 -8.39
CA GLU B 72 3.65 33.86 -7.99
C GLU B 72 2.81 34.04 -9.25
N VAL B 73 1.76 33.24 -9.41
CA VAL B 73 0.95 33.25 -10.62
C VAL B 73 -0.49 33.55 -10.25
N TRP B 74 -1.12 34.47 -11.00
CA TRP B 74 -2.54 34.77 -10.86
C TRP B 74 -3.29 34.36 -12.12
N THR B 75 -4.48 33.78 -11.94
CA THR B 75 -5.41 33.54 -13.03
C THR B 75 -6.62 34.45 -12.85
N SER B 76 -7.55 34.38 -13.81
CA SER B 76 -8.76 35.20 -13.72
C SER B 76 -9.83 34.61 -12.79
N ASP B 77 -9.63 33.39 -12.29
CA ASP B 77 -10.66 32.72 -11.49
C ASP B 77 -10.45 33.07 -10.02
N ILE B 78 -10.82 34.31 -9.68
CA ILE B 78 -10.61 34.86 -8.34
C ILE B 78 -11.60 34.24 -7.35
N GLN B 79 -11.10 33.85 -6.17
CA GLN B 79 -11.91 33.25 -5.13
C GLN B 79 -11.62 33.93 -3.80
N TYR B 80 -12.54 33.80 -2.86
CA TYR B 80 -12.36 34.39 -1.53
C TYR B 80 -12.60 33.36 -0.44
N GLN B 81 -11.77 33.43 0.61
CA GLN B 81 -11.99 32.69 1.84
C GLN B 81 -12.58 33.64 2.88
N LEU B 82 -13.69 33.24 3.49
CA LEU B 82 -14.40 34.06 4.47
C LEU B 82 -14.14 33.57 5.88
N SER B 83 -14.16 34.50 6.83
CA SER B 83 -14.07 34.12 8.23
C SER B 83 -15.39 33.45 8.63
N PRO B 84 -15.38 32.19 9.10
CA PRO B 84 -16.66 31.50 9.34
C PRO B 84 -17.56 32.21 10.34
N PHE B 85 -17.00 32.89 11.35
CA PHE B 85 -17.81 33.54 12.36
C PHE B 85 -18.09 35.01 12.05
N ASN B 86 -17.61 35.50 10.90
CA ASN B 86 -17.83 36.87 10.48
C ASN B 86 -17.66 36.91 8.97
N HIS B 87 -18.65 36.40 8.22
CA HIS B 87 -18.37 36.11 6.82
C HIS B 87 -18.31 37.37 5.97
N ALA B 88 -18.60 38.55 6.55
CA ALA B 88 -18.28 39.80 5.85
C ALA B 88 -16.78 40.04 5.77
N HIS B 89 -15.98 39.31 6.55
CA HIS B 89 -14.53 39.45 6.52
C HIS B 89 -13.97 38.42 5.53
N LYS B 90 -13.53 38.91 4.38
CA LYS B 90 -12.77 38.10 3.44
C LYS B 90 -11.33 38.00 3.95
N VAL B 91 -10.95 36.82 4.46
CA VAL B 91 -9.62 36.75 5.05
C VAL B 91 -8.56 36.53 3.98
N ALA B 92 -8.94 36.01 2.81
CA ALA B 92 -7.97 35.79 1.75
C ALA B 92 -8.66 35.89 0.40
N LYS B 93 -7.93 36.43 -0.57
CA LYS B 93 -8.29 36.38 -1.97
C LYS B 93 -7.26 35.48 -2.64
N PHE B 94 -7.72 34.48 -3.38
CA PHE B 94 -6.80 33.58 -4.05
C PHE B 94 -7.36 33.30 -5.44
N CYS B 95 -6.75 32.39 -6.17
CA CYS B 95 -7.29 32.05 -7.47
C CYS B 95 -7.14 30.57 -7.72
N TYR B 96 -7.96 30.07 -8.64
CA TYR B 96 -7.90 28.69 -9.07
C TYR B 96 -6.91 28.54 -10.22
N ALA B 97 -5.96 27.62 -10.09
CA ALA B 97 -5.07 27.31 -11.19
C ALA B 97 -5.88 26.78 -12.37
N ASP B 98 -5.60 27.27 -13.58
CA ASP B 98 -6.27 26.69 -14.73
C ASP B 98 -5.51 25.45 -15.22
N LYS B 99 -6.04 24.77 -16.23
CA LYS B 99 -5.43 23.52 -16.65
C LYS B 99 -4.02 23.76 -17.20
N ALA B 100 -3.82 24.90 -17.88
CA ALA B 100 -2.48 25.22 -18.39
C ALA B 100 -1.49 25.37 -17.26
N LEU B 101 -1.89 26.07 -16.18
CA LEU B 101 -0.97 26.26 -15.06
C LEU B 101 -0.70 24.94 -14.35
N LEU B 102 -1.72 24.11 -14.16
CA LEU B 102 -1.51 22.82 -13.53
C LEU B 102 -0.54 21.97 -14.34
N ASN B 103 -0.70 21.96 -15.67
CA ASN B 103 0.21 21.14 -16.47
C ASN B 103 1.62 21.73 -16.47
N ARG B 104 1.73 23.07 -16.40
CA ARG B 104 3.05 23.67 -16.28
C ARG B 104 3.69 23.32 -14.93
N ALA B 105 2.90 23.29 -13.86
CA ALA B 105 3.40 22.90 -12.55
C ALA B 105 3.87 21.45 -12.52
N ILE B 106 3.16 20.57 -13.22
CA ILE B 106 3.60 19.18 -13.33
C ILE B 106 4.95 19.12 -14.03
N ASP B 107 5.07 19.78 -15.19
CA ASP B 107 6.30 19.70 -15.96
C ASP B 107 7.48 20.18 -15.14
N ALA B 108 7.30 21.29 -14.42
CA ALA B 108 8.40 21.87 -13.65
C ALA B 108 8.75 21.00 -12.45
N ALA B 109 7.74 20.38 -11.83
CA ALA B 109 8.01 19.47 -10.73
C ALA B 109 8.79 18.26 -11.21
N LEU B 110 8.37 17.68 -12.33
CA LEU B 110 9.08 16.52 -12.88
C LEU B 110 10.53 16.87 -13.21
N ALA B 111 10.78 18.08 -13.71
CA ALA B 111 12.15 18.47 -14.05
C ALA B 111 13.02 18.69 -12.80
N ALA B 112 12.42 18.82 -11.63
CA ALA B 112 13.15 18.96 -10.38
C ALA B 112 13.29 17.65 -9.60
N ARG B 113 12.56 16.60 -10.00
CA ARG B 113 12.39 15.44 -9.12
C ARG B 113 13.67 14.63 -8.95
N LYS B 114 14.43 14.41 -10.03
CA LYS B 114 15.56 13.48 -9.93
C LYS B 114 16.60 13.98 -8.93
N GLU B 115 16.92 15.28 -8.96
CA GLU B 115 17.88 15.85 -8.02
C GLU B 115 17.37 15.73 -6.59
N TRP B 116 16.09 16.03 -6.37
CA TRP B 116 15.52 15.95 -5.04
C TRP B 116 15.49 14.52 -4.52
N ASP B 117 15.14 13.57 -5.38
CA ASP B 117 15.11 12.17 -4.99
C ASP B 117 16.51 11.66 -4.65
N LEU B 118 17.54 12.17 -5.33
CA LEU B 118 18.90 11.73 -5.07
C LEU B 118 19.51 12.36 -3.82
N LYS B 119 18.89 13.40 -3.26
CA LYS B 119 19.39 13.98 -2.02
C LYS B 119 19.36 12.92 -0.91
N PRO B 120 20.34 12.93 -0.01
CA PRO B 120 20.27 12.03 1.15
C PRO B 120 19.00 12.31 1.95
N MET B 121 18.40 11.23 2.45
CA MET B 121 17.16 11.36 3.24
C MET B 121 17.34 12.33 4.39
N ALA B 122 18.51 12.31 5.03
CA ALA B 122 18.77 13.23 6.14
C ALA B 122 18.71 14.69 5.71
N ASP B 123 19.12 14.99 4.46
CA ASP B 123 19.09 16.37 3.99
C ASP B 123 17.65 16.85 3.74
N ARG B 124 16.82 15.97 3.17
CA ARG B 124 15.40 16.31 3.03
C ARG B 124 14.75 16.46 4.39
N ALA B 125 15.07 15.57 5.34
CA ALA B 125 14.48 15.65 6.67
C ALA B 125 14.82 16.98 7.35
N GLN B 126 16.00 17.54 7.09
CA GLN B 126 16.39 18.79 7.73
C GLN B 126 15.43 19.92 7.41
N VAL B 127 14.84 19.92 6.20
CA VAL B 127 13.88 20.94 5.85
C VAL B 127 12.68 20.89 6.78
N PHE B 128 12.17 19.68 7.04
CA PHE B 128 10.98 19.55 7.86
C PHE B 128 11.29 19.75 9.34
N LEU B 129 12.51 19.43 9.77
CA LEU B 129 12.87 19.70 11.16
C LEU B 129 13.03 21.20 11.39
N LYS B 130 13.57 21.93 10.41
CA LYS B 130 13.65 23.38 10.52
C LYS B 130 12.25 24.00 10.48
N ALA B 131 11.38 23.50 9.59
CA ALA B 131 10.02 24.01 9.55
C ALA B 131 9.32 23.78 10.88
N ALA B 132 9.53 22.61 11.48
CA ALA B 132 8.91 22.29 12.77
C ALA B 132 9.38 23.25 13.85
N ASP B 133 10.67 23.60 13.86
CA ASP B 133 11.16 24.54 14.86
C ASP B 133 10.58 25.93 14.67
N MET B 134 10.39 26.36 13.41
CA MET B 134 9.78 27.66 13.16
C MET B 134 8.34 27.70 13.66
N LEU B 135 7.57 26.65 13.36
CA LEU B 135 6.19 26.53 13.81
C LEU B 135 6.09 26.48 15.32
N SER B 136 7.08 25.86 15.97
CA SER B 136 7.05 25.73 17.42
C SER B 136 7.29 27.07 18.09
N GLY B 137 8.14 27.90 17.49
CA GLY B 137 8.58 29.12 18.11
C GLY B 137 8.03 30.35 17.42
N PRO B 138 8.84 30.96 16.55
CA PRO B 138 8.50 32.30 16.04
C PRO B 138 7.25 32.37 15.20
N ARG B 139 6.81 31.27 14.57
CA ARG B 139 5.64 31.31 13.72
C ARG B 139 4.40 30.74 14.38
N ARG B 140 4.49 30.32 15.64
CA ARG B 140 3.36 29.65 16.28
C ARG B 140 2.13 30.55 16.30
N ALA B 141 2.29 31.80 16.72
CA ALA B 141 1.13 32.69 16.84
C ALA B 141 0.50 32.95 15.48
N GLU B 142 1.33 33.11 14.45
CA GLU B 142 0.81 33.35 13.09
C GLU B 142 -0.07 32.20 12.61
N VAL B 143 0.42 30.95 12.70
CA VAL B 143 -0.37 29.86 12.13
C VAL B 143 -1.58 29.55 13.00
N LEU B 144 -1.47 29.67 14.33
CA LEU B 144 -2.65 29.59 15.19
C LEU B 144 -3.69 30.64 14.80
N ALA B 145 -3.26 31.90 14.68
CA ALA B 145 -4.21 32.97 14.41
C ALA B 145 -4.88 32.79 13.06
N LYS B 146 -4.11 32.36 12.04
CA LYS B 146 -4.71 32.18 10.73
C LYS B 146 -5.68 31.01 10.71
N THR B 147 -5.42 29.98 11.52
CA THR B 147 -6.35 28.87 11.62
C THR B 147 -7.61 29.28 12.38
N MET B 148 -7.46 30.14 13.40
CA MET B 148 -8.63 30.62 14.13
C MET B 148 -9.51 31.49 13.24
N VAL B 149 -8.92 32.51 12.61
CA VAL B 149 -9.71 33.49 11.85
C VAL B 149 -10.22 32.88 10.55
N GLY B 150 -9.43 32.00 9.93
CA GLY B 150 -9.79 31.46 8.64
C GLY B 150 -10.66 30.22 8.68
N GLN B 151 -10.49 29.40 9.70
CA GLN B 151 -11.25 28.15 9.80
C GLN B 151 -12.20 28.12 10.99
N GLY B 152 -12.17 29.15 11.84
CA GLY B 152 -13.13 29.23 12.93
C GLY B 152 -12.76 28.48 14.18
N LYS B 153 -11.48 28.11 14.34
CA LYS B 153 -11.07 27.35 15.53
C LYS B 153 -10.89 28.25 16.74
N THR B 154 -11.18 27.68 17.92
CA THR B 154 -10.78 28.31 19.17
C THR B 154 -9.28 28.15 19.37
N VAL B 155 -8.77 28.86 20.39
CA VAL B 155 -7.35 28.80 20.73
C VAL B 155 -6.86 27.36 20.82
N ILE B 156 -7.53 26.55 21.64
CA ILE B 156 -6.98 25.23 21.93
C ILE B 156 -7.11 24.31 20.71
N GLN B 157 -8.20 24.45 19.93
CA GLN B 157 -8.30 23.64 18.72
C GLN B 157 -7.24 24.04 17.69
N ALA B 158 -6.90 25.32 17.60
CA ALA B 158 -5.82 25.71 16.71
C ALA B 158 -4.47 25.21 17.23
N GLU B 159 -4.27 25.26 18.55
CA GLU B 159 -3.00 24.84 19.13
C GLU B 159 -2.75 23.35 18.93
N ILE B 160 -3.75 22.50 19.14
CA ILE B 160 -3.50 21.07 18.96
C ILE B 160 -3.34 20.70 17.49
N ASP B 161 -3.77 21.58 16.58
CA ASP B 161 -3.77 21.31 15.14
C ASP B 161 -2.57 21.97 14.47
N ALA B 162 -2.65 23.28 14.28
CA ALA B 162 -1.65 23.99 13.47
C ALA B 162 -0.29 24.00 14.12
N ALA B 163 -0.25 23.93 15.45
CA ALA B 163 1.02 23.81 16.14
C ALA B 163 1.33 22.33 16.39
N ALA B 164 0.70 21.74 17.41
CA ALA B 164 1.16 20.44 17.92
C ALA B 164 1.15 19.34 16.84
N GLU B 165 0.01 19.12 16.18
CA GLU B 165 -0.06 17.98 15.26
C GLU B 165 0.85 18.19 14.05
N LEU B 166 0.86 19.40 13.49
CA LEU B 166 1.70 19.63 12.31
C LEU B 166 3.17 19.53 12.65
N ILE B 167 3.57 20.14 13.77
CA ILE B 167 4.95 20.01 14.24
C ILE B 167 5.30 18.54 14.45
N ASP B 168 4.41 17.78 15.08
CA ASP B 168 4.66 16.36 15.32
C ASP B 168 4.76 15.55 14.03
N PHE B 169 3.88 15.83 13.05
CA PHE B 169 4.00 15.17 11.75
C PHE B 169 5.39 15.39 11.15
N PHE B 170 5.85 16.65 11.15
CA PHE B 170 7.14 16.95 10.53
C PHE B 170 8.28 16.26 11.27
N ARG B 171 8.28 16.33 12.61
CA ARG B 171 9.38 15.74 13.37
C ARG B 171 9.32 14.21 13.36
N PHE B 172 8.14 13.62 13.56
CA PHE B 172 8.10 12.16 13.64
C PHE B 172 8.28 11.52 12.26
N ASN B 173 7.71 12.10 11.22
CA ASN B 173 7.95 11.53 9.88
C ASN B 173 9.41 11.63 9.49
N ALA B 174 10.08 12.72 9.90
CA ALA B 174 11.52 12.81 9.67
C ALA B 174 12.27 11.70 10.40
N LYS B 175 11.92 11.45 11.65
CA LYS B 175 12.53 10.35 12.40
C LYS B 175 12.26 9.00 11.73
N PHE B 176 11.00 8.76 11.36
CA PHE B 176 10.65 7.47 10.74
C PHE B 176 11.40 7.26 9.44
N ALA B 177 11.57 8.33 8.65
CA ALA B 177 12.22 8.22 7.35
C ALA B 177 13.72 8.01 7.48
N VAL B 178 14.35 8.72 8.41
CA VAL B 178 15.78 8.51 8.64
C VAL B 178 16.04 7.10 9.13
N GLU B 179 15.14 6.59 9.99
CA GLU B 179 15.33 5.24 10.52
C GLU B 179 15.03 4.18 9.48
N LEU B 180 14.11 4.45 8.55
CA LEU B 180 13.79 3.48 7.50
C LEU B 180 15.03 3.13 6.69
N GLU B 181 15.92 4.10 6.45
CA GLU B 181 17.14 3.81 5.70
C GLU B 181 18.00 2.77 6.39
N GLY B 182 17.87 2.60 7.70
CA GLY B 182 18.61 1.56 8.37
C GLY B 182 18.01 0.19 8.27
N GLU B 183 16.84 0.05 7.65
CA GLU B 183 16.22 -1.25 7.45
C GLU B 183 16.79 -1.80 6.15
N GLN B 184 17.78 -2.67 6.27
CA GLN B 184 18.59 -3.15 5.18
C GLN B 184 18.57 -4.68 5.15
N PRO B 185 18.73 -5.28 3.97
CA PRO B 185 18.64 -6.75 3.86
C PRO B 185 19.92 -7.43 4.36
N ILE B 186 19.88 -8.76 4.37
CA ILE B 186 21.01 -9.62 4.73
C ILE B 186 21.98 -9.70 3.56
N SER B 187 23.29 -9.69 3.86
CA SER B 187 24.34 -9.94 2.87
C SER B 187 25.09 -11.22 3.23
N VAL B 188 25.36 -12.04 2.23
CA VAL B 188 26.14 -13.27 2.38
C VAL B 188 27.24 -13.24 1.34
N PRO B 189 28.49 -13.58 1.67
CA PRO B 189 29.54 -13.63 0.65
C PRO B 189 29.10 -14.49 -0.54
N PRO B 190 29.45 -14.09 -1.77
CA PRO B 190 30.35 -12.99 -2.10
C PRO B 190 29.65 -11.68 -2.47
N SER B 191 28.50 -11.37 -1.90
CA SER B 191 27.71 -10.24 -2.37
C SER B 191 27.25 -9.36 -1.22
N THR B 192 27.04 -8.08 -1.54
CA THR B 192 26.56 -7.08 -0.62
C THR B 192 25.24 -6.56 -1.14
N ASN B 193 24.21 -6.49 -0.28
CA ASN B 193 22.90 -6.03 -0.68
C ASN B 193 22.53 -4.75 0.05
N HIS B 194 21.87 -3.85 -0.66
CA HIS B 194 21.47 -2.56 -0.12
C HIS B 194 20.12 -2.16 -0.68
N THR B 195 19.24 -1.65 0.18
CA THR B 195 17.95 -1.15 -0.26
C THR B 195 18.01 0.37 -0.38
N VAL B 196 17.62 0.86 -1.55
CA VAL B 196 17.51 2.30 -1.82
C VAL B 196 16.02 2.65 -1.78
N TYR B 197 15.66 3.57 -0.88
CA TYR B 197 14.26 3.94 -0.74
C TYR B 197 13.99 5.10 -1.70
N ARG B 198 13.72 4.74 -2.95
CA ARG B 198 13.46 5.72 -3.99
C ARG B 198 12.14 6.41 -3.76
N GLY B 199 12.07 7.70 -4.12
CA GLY B 199 10.77 8.32 -4.30
C GLY B 199 10.02 7.70 -5.47
N LEU B 200 8.71 7.95 -5.53
CA LEU B 200 7.94 7.46 -6.66
C LEU B 200 8.30 8.23 -7.93
N GLU B 201 8.32 7.54 -9.05
CA GLU B 201 8.68 8.16 -10.32
C GLU B 201 7.42 8.81 -10.91
N GLY B 202 7.40 10.13 -10.98
CA GLY B 202 6.24 10.88 -11.39
C GLY B 202 5.98 11.96 -10.37
N PHE B 203 4.72 12.41 -10.28
CA PHE B 203 4.37 13.41 -9.26
C PHE B 203 3.19 12.89 -8.45
N VAL B 204 3.08 13.39 -7.23
CA VAL B 204 1.99 13.08 -6.31
C VAL B 204 1.06 14.28 -6.23
N ALA B 205 -0.25 14.02 -6.29
CA ALA B 205 -1.26 15.04 -6.07
C ALA B 205 -1.75 14.96 -4.63
N ALA B 206 -1.62 16.05 -3.89
CA ALA B 206 -2.07 16.13 -2.50
C ALA B 206 -3.30 17.00 -2.45
N ILE B 207 -4.37 16.48 -1.86
CA ILE B 207 -5.69 17.11 -1.86
C ILE B 207 -6.16 17.15 -0.41
N SER B 208 -6.17 18.34 0.20
CA SER B 208 -6.34 18.43 1.65
C SER B 208 -7.68 19.05 2.04
N PRO B 209 -8.17 18.76 3.27
CA PRO B 209 -9.49 19.22 3.72
C PRO B 209 -9.43 20.49 4.54
N PHE B 210 -10.58 21.11 4.82
CA PHE B 210 -10.58 22.37 5.53
C PHE B 210 -10.29 22.23 7.02
N ASN B 211 -10.51 21.06 7.61
CA ASN B 211 -10.79 21.06 9.05
C ASN B 211 -9.54 20.90 9.90
N PHE B 212 -8.39 20.56 9.30
CA PHE B 212 -7.13 20.51 10.03
C PHE B 212 -6.03 21.11 9.16
N THR B 213 -5.46 22.22 9.62
CA THR B 213 -4.27 22.77 8.96
C THR B 213 -3.16 21.73 8.88
N ALA B 214 -3.03 20.90 9.92
CA ALA B 214 -1.95 19.91 9.97
C ALA B 214 -2.07 18.87 8.86
N ILE B 215 -3.30 18.52 8.47
CA ILE B 215 -3.47 17.45 7.50
C ILE B 215 -2.92 17.87 6.14
N GLY B 216 -3.16 19.12 5.74
CA GLY B 216 -2.58 19.60 4.49
C GLY B 216 -1.07 19.57 4.51
N GLY B 217 -0.46 19.97 5.63
CA GLY B 217 0.98 19.92 5.72
C GLY B 217 1.52 18.49 5.61
N ASN B 218 0.80 17.53 6.18
CA ASN B 218 1.24 16.14 6.11
C ASN B 218 1.00 15.54 4.73
N LEU B 219 -0.14 15.85 4.12
CA LEU B 219 -0.48 15.23 2.84
C LEU B 219 0.51 15.63 1.75
N ALA B 220 0.95 16.88 1.77
CA ALA B 220 1.98 17.35 0.85
C ALA B 220 3.39 17.07 1.36
N GLY B 221 3.59 17.24 2.68
CA GLY B 221 4.94 17.14 3.23
C GLY B 221 5.50 15.73 3.30
N ALA B 222 4.68 14.75 3.69
CA ALA B 222 5.21 13.39 3.83
C ALA B 222 5.68 12.83 2.50
N PRO B 223 4.96 12.94 1.39
CA PRO B 223 5.53 12.47 0.12
C PRO B 223 6.79 13.24 -0.28
N ALA B 224 6.81 14.57 -0.09
CA ALA B 224 8.01 15.33 -0.43
C ALA B 224 9.22 14.87 0.39
N LEU B 225 9.01 14.59 1.67
CA LEU B 225 10.09 14.08 2.52
C LEU B 225 10.72 12.83 1.93
N MET B 226 9.91 11.97 1.34
CA MET B 226 10.37 10.69 0.78
C MET B 226 10.93 10.82 -0.63
N GLY B 227 11.21 12.03 -1.11
CA GLY B 227 11.81 12.20 -2.41
C GLY B 227 10.83 12.44 -3.54
N ASN B 228 9.56 12.66 -3.25
CA ASN B 228 8.58 12.95 -4.29
C ASN B 228 8.45 14.44 -4.54
N VAL B 229 7.88 14.77 -5.70
CA VAL B 229 7.42 16.12 -6.00
C VAL B 229 5.90 16.09 -6.02
N VAL B 230 5.30 17.22 -5.64
CA VAL B 230 3.90 17.28 -5.23
C VAL B 230 3.21 18.47 -5.87
N LEU B 231 2.00 18.24 -6.40
CA LEU B 231 1.05 19.33 -6.62
C LEU B 231 0.07 19.35 -5.46
N TRP B 232 0.10 20.42 -4.67
CA TRP B 232 -0.74 20.54 -3.49
C TRP B 232 -1.93 21.45 -3.82
N LYS B 233 -3.12 20.86 -3.82
CA LYS B 233 -4.37 21.61 -3.90
C LYS B 233 -4.92 21.74 -2.49
N PRO B 234 -4.73 22.88 -1.82
CA PRO B 234 -5.26 23.03 -0.47
C PRO B 234 -6.75 23.32 -0.52
N SER B 235 -7.37 23.18 0.65
CA SER B 235 -8.79 23.49 0.80
C SER B 235 -9.06 24.98 0.67
N ASP B 236 -10.07 25.33 -0.14
CA ASP B 236 -10.51 26.72 -0.27
C ASP B 236 -10.75 27.36 1.10
N THR B 237 -11.41 26.65 1.99
CA THR B 237 -11.82 27.22 3.27
C THR B 237 -10.73 27.15 4.33
N ALA B 238 -9.51 26.75 3.95
CA ALA B 238 -8.35 26.79 4.85
C ALA B 238 -7.15 27.43 4.16
N MET B 239 -7.40 28.29 3.17
CA MET B 239 -6.32 28.79 2.32
C MET B 239 -5.29 29.61 3.09
N LEU B 240 -5.76 30.50 3.99
CA LEU B 240 -4.87 31.40 4.70
C LEU B 240 -3.81 30.65 5.50
N ALA B 241 -4.24 29.68 6.31
CA ALA B 241 -3.28 28.92 7.10
C ALA B 241 -2.45 27.98 6.23
N SER B 242 -3.06 27.41 5.18
CA SER B 242 -2.31 26.50 4.33
C SER B 242 -1.15 27.22 3.64
N TYR B 243 -1.39 28.45 3.17
CA TYR B 243 -0.29 29.21 2.55
C TYR B 243 0.78 29.59 3.56
N ALA B 244 0.38 29.86 4.80
CA ALA B 244 1.36 30.11 5.85
C ALA B 244 2.30 28.92 6.02
N VAL B 245 1.74 27.71 6.05
CA VAL B 245 2.55 26.50 6.15
C VAL B 245 3.46 26.36 4.93
N TYR B 246 2.91 26.61 3.74
CA TYR B 246 3.73 26.53 2.52
C TYR B 246 4.91 27.49 2.59
N ARG B 247 4.67 28.75 2.96
CA ARG B 247 5.77 29.71 3.03
C ARG B 247 6.83 29.27 4.04
N ILE B 248 6.40 28.69 5.17
CA ILE B 248 7.36 28.23 6.17
C ILE B 248 8.23 27.10 5.62
N LEU B 249 7.64 26.17 4.85
CA LEU B 249 8.44 25.13 4.24
C LEU B 249 9.47 25.70 3.28
N ARG B 250 9.06 26.68 2.46
CA ARG B 250 10.04 27.27 1.54
C ARG B 250 11.13 28.01 2.30
N GLU B 251 10.75 28.76 3.35
CA GLU B 251 11.74 29.46 4.15
C GLU B 251 12.67 28.49 4.87
N ALA B 252 12.19 27.29 5.18
CA ALA B 252 13.00 26.26 5.81
C ALA B 252 13.94 25.58 4.84
N GLY B 253 13.88 25.92 3.56
CA GLY B 253 14.81 25.40 2.58
C GLY B 253 14.25 24.42 1.58
N LEU B 254 12.94 24.24 1.54
CA LEU B 254 12.36 23.39 0.49
C LEU B 254 12.70 24.00 -0.87
N PRO B 255 13.38 23.28 -1.75
CA PRO B 255 13.77 23.86 -3.06
C PRO B 255 12.56 24.15 -3.92
N PRO B 256 12.71 24.98 -4.94
CA PRO B 256 11.60 25.24 -5.86
C PRO B 256 11.18 23.98 -6.60
N ASN B 257 9.89 23.93 -6.93
CA ASN B 257 9.24 22.90 -7.74
C ASN B 257 9.16 21.56 -7.03
N ILE B 258 9.41 21.49 -5.73
CA ILE B 258 9.18 20.25 -4.99
C ILE B 258 7.74 20.16 -4.51
N ILE B 259 7.17 21.25 -3.99
CA ILE B 259 5.74 21.33 -3.72
C ILE B 259 5.22 22.55 -4.46
N GLN B 260 4.29 22.32 -5.39
CA GLN B 260 3.63 23.42 -6.09
C GLN B 260 2.35 23.75 -5.36
N PHE B 261 2.14 25.05 -5.09
CA PHE B 261 0.99 25.50 -4.33
C PHE B 261 -0.09 25.89 -5.34
N VAL B 262 -1.04 24.98 -5.58
CA VAL B 262 -1.98 25.17 -6.68
C VAL B 262 -3.42 24.97 -6.24
N PRO B 263 -4.01 25.94 -5.53
CA PRO B 263 -5.46 25.93 -5.35
C PRO B 263 -6.14 25.82 -6.71
N ALA B 264 -7.27 25.13 -6.74
CA ALA B 264 -7.91 24.83 -8.02
C ALA B 264 -9.32 24.36 -7.73
N ASP B 265 -10.17 24.47 -8.74
CA ASP B 265 -11.48 23.84 -8.68
C ASP B 265 -11.27 22.34 -8.52
N GLY B 266 -12.01 21.71 -7.61
CA GLY B 266 -11.81 20.30 -7.32
C GLY B 266 -11.88 19.38 -8.53
N PRO B 267 -13.02 19.37 -9.23
CA PRO B 267 -13.12 18.52 -10.44
C PRO B 267 -12.03 18.83 -11.46
N THR B 268 -11.73 20.11 -11.69
CA THR B 268 -10.71 20.47 -12.67
C THR B 268 -9.36 19.91 -12.29
N PHE B 269 -9.02 19.99 -11.00
CA PHE B 269 -7.73 19.50 -10.53
C PHE B 269 -7.65 17.99 -10.69
N GLY B 270 -8.70 17.28 -10.27
CA GLY B 270 -8.70 15.82 -10.42
C GLY B 270 -8.63 15.39 -11.87
N ASP B 271 -9.37 16.08 -12.75
CA ASP B 271 -9.33 15.77 -14.17
C ASP B 271 -7.92 15.93 -14.72
N THR B 272 -7.24 17.01 -14.33
CA THR B 272 -5.92 17.31 -14.88
C THR B 272 -4.90 16.29 -14.38
N VAL B 273 -4.88 16.03 -13.07
CA VAL B 273 -3.80 15.17 -12.57
C VAL B 273 -4.02 13.72 -13.00
N THR B 274 -5.27 13.26 -13.10
CA THR B 274 -5.51 11.88 -13.52
C THR B 274 -5.37 11.71 -15.04
N SER B 275 -5.26 12.80 -15.80
CA SER B 275 -4.99 12.74 -17.23
C SER B 275 -3.52 12.76 -17.56
N SER B 276 -2.65 12.98 -16.58
CA SER B 276 -1.21 13.06 -16.82
C SER B 276 -0.60 11.67 -16.79
N GLU B 277 0.20 11.33 -17.81
CA GLU B 277 0.86 10.04 -17.78
C GLU B 277 1.86 9.92 -16.64
N HIS B 278 2.22 11.02 -15.99
CA HIS B 278 3.23 11.01 -14.95
C HIS B 278 2.66 11.00 -13.53
N LEU B 279 1.34 10.82 -13.37
CA LEU B 279 0.79 10.69 -12.02
C LEU B 279 1.29 9.41 -11.38
N CYS B 280 1.86 9.51 -10.17
CA CYS B 280 2.23 8.28 -9.46
C CYS B 280 1.54 8.12 -8.12
N GLY B 281 0.76 9.11 -7.69
CA GLY B 281 0.12 8.95 -6.41
C GLY B 281 -0.87 10.06 -6.14
N ILE B 282 -1.89 9.77 -5.34
CA ILE B 282 -2.82 10.77 -4.86
C ILE B 282 -2.91 10.59 -3.36
N ASN B 283 -2.63 11.65 -2.61
CA ASN B 283 -2.75 11.63 -1.16
C ASN B 283 -3.94 12.51 -0.81
N PHE B 284 -5.02 11.88 -0.35
CA PHE B 284 -6.33 12.53 -0.30
C PHE B 284 -6.91 12.45 1.10
N THR B 285 -7.56 13.52 1.53
CA THR B 285 -8.43 13.48 2.70
C THR B 285 -9.65 14.34 2.41
N GLY B 286 -10.84 13.79 2.59
CA GLY B 286 -12.08 14.44 2.16
C GLY B 286 -13.20 13.41 2.09
N SER B 287 -14.17 13.67 1.21
CA SER B 287 -15.38 12.86 1.16
C SER B 287 -15.19 11.52 0.43
N VAL B 288 -15.98 10.52 0.86
CA VAL B 288 -16.01 9.24 0.16
C VAL B 288 -16.29 9.39 -1.34
N PRO B 289 -17.34 10.11 -1.77
CA PRO B 289 -17.61 10.16 -3.21
C PRO B 289 -16.47 10.75 -4.02
N THR B 290 -15.81 11.79 -3.51
CA THR B 290 -14.69 12.36 -4.25
C THR B 290 -13.53 11.37 -4.37
N PHE B 291 -13.22 10.66 -3.28
CA PHE B 291 -12.16 9.66 -3.34
C PHE B 291 -12.49 8.56 -4.35
N LYS B 292 -13.74 8.07 -4.32
CA LYS B 292 -14.15 7.04 -5.29
C LYS B 292 -14.06 7.58 -6.71
N HIS B 293 -14.40 8.85 -6.89
CA HIS B 293 -14.35 9.44 -8.22
C HIS B 293 -12.91 9.46 -8.75
N LEU B 294 -11.97 9.88 -7.90
CA LEU B 294 -10.57 9.90 -8.31
C LEU B 294 -10.07 8.48 -8.60
N TRP B 295 -10.47 7.53 -7.77
CA TRP B 295 -10.06 6.14 -7.98
C TRP B 295 -10.55 5.63 -9.33
N ARG B 296 -11.78 5.94 -9.69
CA ARG B 296 -12.29 5.50 -10.97
C ARG B 296 -11.62 6.23 -12.13
N GLN B 297 -11.26 7.50 -11.95
CA GLN B 297 -10.56 8.20 -13.01
C GLN B 297 -9.20 7.59 -13.27
N VAL B 298 -8.49 7.22 -12.21
CA VAL B 298 -7.19 6.58 -12.40
C VAL B 298 -7.36 5.23 -13.10
N ALA B 299 -8.37 4.45 -12.70
CA ALA B 299 -8.60 3.17 -13.35
C ALA B 299 -8.94 3.35 -14.83
N GLN B 300 -9.76 4.36 -15.15
CA GLN B 300 -10.11 4.59 -16.55
C GLN B 300 -8.88 4.89 -17.40
N ASN B 301 -7.90 5.58 -16.82
CA ASN B 301 -6.73 6.06 -17.55
C ASN B 301 -5.51 5.18 -17.36
N LEU B 302 -5.70 3.95 -16.86
CA LEU B 302 -4.57 3.10 -16.50
CA LEU B 302 -4.57 3.09 -16.51
C LEU B 302 -3.60 2.92 -17.66
N ASP B 303 -4.09 2.96 -18.91
CA ASP B 303 -3.20 2.66 -20.02
C ASP B 303 -2.24 3.79 -20.34
N ARG B 304 -2.47 5.00 -19.83
CA ARG B 304 -1.54 6.07 -20.15
C ARG B 304 -0.42 6.25 -19.11
N PHE B 305 -0.59 5.74 -17.89
CA PHE B 305 0.39 6.01 -16.84
C PHE B 305 1.67 5.21 -17.04
N ARG B 306 2.80 5.80 -16.64
CA ARG B 306 4.06 5.07 -16.68
C ARG B 306 4.12 4.00 -15.61
N THR B 307 3.51 4.24 -14.45
CA THR B 307 3.42 3.20 -13.44
C THR B 307 2.03 3.23 -12.84
N PHE B 308 1.76 2.28 -11.95
CA PHE B 308 0.48 2.17 -11.27
C PHE B 308 0.39 3.19 -10.14
N PRO B 309 -0.50 4.18 -10.23
CA PRO B 309 -0.56 5.20 -9.19
C PRO B 309 -1.06 4.63 -7.88
N ARG B 310 -0.58 5.21 -6.78
CA ARG B 310 -0.92 4.80 -5.43
C ARG B 310 -1.91 5.79 -4.86
N LEU B 311 -3.08 5.32 -4.50
CA LEU B 311 -4.12 6.16 -3.93
C LEU B 311 -4.20 5.92 -2.44
N ALA B 312 -4.06 6.99 -1.67
CA ALA B 312 -4.25 6.97 -0.23
C ALA B 312 -5.39 7.93 0.09
N GLY B 313 -6.34 7.46 0.90
CA GLY B 313 -7.47 8.28 1.26
C GLY B 313 -7.96 8.08 2.68
N GLU B 314 -8.26 9.18 3.37
CA GLU B 314 -9.00 9.14 4.62
C GLU B 314 -10.28 9.92 4.40
N CYS B 315 -11.43 9.30 4.72
CA CYS B 315 -12.70 9.72 4.16
C CYS B 315 -13.81 9.91 5.20
N GLY B 316 -13.48 10.11 6.47
CA GLY B 316 -14.50 10.45 7.44
C GLY B 316 -15.13 9.26 8.13
N GLY B 317 -16.10 9.57 9.00
CA GLY B 317 -16.69 8.51 9.82
C GLY B 317 -18.03 8.91 10.36
N LYS B 318 -18.67 7.96 11.03
CA LYS B 318 -19.89 8.17 11.80
C LYS B 318 -19.61 7.47 13.13
N ASN B 319 -18.96 8.20 14.03
CA ASN B 319 -18.25 7.59 15.15
C ASN B 319 -19.13 7.50 16.39
N PHE B 320 -18.82 6.55 17.25
CA PHE B 320 -19.67 6.21 18.38
C PHE B 320 -18.96 6.39 19.73
N HIS B 321 -19.75 6.72 20.75
CA HIS B 321 -19.41 6.50 22.14
C HIS B 321 -20.39 5.47 22.69
N PHE B 322 -19.89 4.30 23.08
CA PHE B 322 -20.72 3.27 23.67
C PHE B 322 -20.55 3.24 25.18
N VAL B 323 -21.65 3.35 25.92
CA VAL B 323 -21.65 3.42 27.38
C VAL B 323 -22.20 2.11 27.94
N HIS B 324 -21.45 1.48 28.84
CA HIS B 324 -21.93 0.35 29.61
C HIS B 324 -22.37 0.85 30.99
N SER B 325 -23.21 0.05 31.65
CA SER B 325 -23.76 0.47 32.94
C SER B 325 -22.69 0.70 34.00
N SER B 326 -21.50 0.12 33.83
CA SER B 326 -20.40 0.31 34.78
C SER B 326 -19.58 1.57 34.52
N ALA B 327 -20.00 2.41 33.57
CA ALA B 327 -19.20 3.56 33.17
C ALA B 327 -19.18 4.64 34.25
N ASP B 328 -18.12 5.45 34.23
CA ASP B 328 -18.02 6.66 35.03
C ASP B 328 -18.83 7.76 34.34
N VAL B 329 -19.95 8.16 34.95
CA VAL B 329 -20.89 9.07 34.31
C VAL B 329 -20.23 10.40 33.99
N ASP B 330 -19.42 10.94 34.91
CA ASP B 330 -18.79 12.23 34.69
C ASP B 330 -17.88 12.21 33.47
N SER B 331 -17.12 11.13 33.30
CA SER B 331 -16.23 11.03 32.14
C SER B 331 -17.03 10.89 30.86
N VAL B 332 -18.13 10.13 30.89
CA VAL B 332 -18.98 10.00 29.70
C VAL B 332 -19.47 11.38 29.25
N VAL B 333 -19.93 12.19 30.20
CA VAL B 333 -20.54 13.47 29.83
C VAL B 333 -19.49 14.41 29.26
N SER B 334 -18.38 14.60 29.97
CA SER B 334 -17.40 15.57 29.48
C SER B 334 -16.70 15.05 28.24
N GLY B 335 -16.43 13.74 28.17
CA GLY B 335 -15.79 13.20 26.98
C GLY B 335 -16.69 13.30 25.76
N THR B 336 -17.98 13.05 25.94
CA THR B 336 -18.90 13.13 24.81
C THR B 336 -19.12 14.57 24.37
N LEU B 337 -19.29 15.49 25.33
CA LEU B 337 -19.44 16.90 24.98
C LEU B 337 -18.25 17.40 24.18
N ARG B 338 -17.04 17.03 24.58
CA ARG B 338 -15.86 17.45 23.83
C ARG B 338 -15.85 16.82 22.45
N SER B 339 -16.02 15.49 22.39
CA SER B 339 -15.93 14.79 21.12
C SER B 339 -17.01 15.26 20.15
N ALA B 340 -18.22 15.49 20.65
CA ALA B 340 -19.33 15.84 19.77
C ALA B 340 -19.28 17.28 19.28
N PHE B 341 -18.83 18.21 20.13
CA PHE B 341 -19.05 19.62 19.86
C PHE B 341 -17.78 20.45 19.69
N GLU B 342 -16.60 19.96 20.08
CA GLU B 342 -15.40 20.75 19.81
C GLU B 342 -15.23 20.96 18.31
N TYR B 343 -14.77 22.16 17.95
CA TYR B 343 -14.72 22.62 16.57
C TYR B 343 -16.04 22.35 15.85
N GLY B 344 -17.15 22.49 16.59
CA GLY B 344 -18.46 22.32 15.97
C GLY B 344 -18.72 20.95 15.42
N GLY B 345 -18.06 19.92 15.96
CA GLY B 345 -18.23 18.57 15.43
C GLY B 345 -17.65 18.36 14.05
N GLN B 346 -16.85 19.29 13.54
CA GLN B 346 -16.29 19.21 12.20
C GLN B 346 -14.97 18.44 12.19
N LYS B 347 -15.01 17.24 12.76
CA LYS B 347 -13.86 16.35 12.78
C LYS B 347 -14.26 14.99 12.25
N CYS B 348 -13.37 14.40 11.45
CA CYS B 348 -13.61 13.04 10.99
C CYS B 348 -13.75 12.06 12.14
N SER B 349 -13.25 12.40 13.32
CA SER B 349 -13.25 11.56 14.51
C SER B 349 -14.35 11.89 15.51
N ALA B 350 -15.16 12.92 15.26
CA ALA B 350 -16.13 13.39 16.25
C ALA B 350 -17.21 12.34 16.51
N CYS B 351 -17.60 12.21 17.79
CA CYS B 351 -18.73 11.36 18.16
C CYS B 351 -20.05 11.99 17.72
N SER B 352 -20.83 11.24 16.93
CA SER B 352 -22.16 11.70 16.55
C SER B 352 -23.26 10.73 16.95
N ARG B 353 -22.93 9.55 17.46
CA ARG B 353 -23.93 8.66 18.02
C ARG B 353 -23.47 8.21 19.40
N LEU B 354 -24.35 8.35 20.38
CA LEU B 354 -24.10 7.95 21.76
C LEU B 354 -25.08 6.85 22.13
N TYR B 355 -24.56 5.71 22.59
CA TYR B 355 -25.38 4.59 23.03
C TYR B 355 -25.34 4.51 24.55
N VAL B 356 -26.50 4.63 25.18
CA VAL B 356 -26.61 4.75 26.64
C VAL B 356 -27.57 3.68 27.17
N PRO B 357 -27.20 2.93 28.21
CA PRO B 357 -28.16 1.98 28.80
C PRO B 357 -29.22 2.73 29.59
N LYS B 358 -30.44 2.15 29.59
CA LYS B 358 -31.58 2.81 30.23
C LYS B 358 -31.30 3.13 31.70
N SER B 359 -30.50 2.29 32.38
CA SER B 359 -30.26 2.50 33.81
C SER B 359 -29.48 3.78 34.09
N LEU B 360 -28.56 4.15 33.19
CA LEU B 360 -27.76 5.36 33.37
C LEU B 360 -28.35 6.59 32.68
N TRP B 361 -29.37 6.42 31.85
CA TRP B 361 -29.87 7.53 31.05
C TRP B 361 -30.40 8.69 31.89
N PRO B 362 -31.16 8.47 32.97
CA PRO B 362 -31.52 9.62 33.83
C PRO B 362 -30.33 10.44 34.31
N GLN B 363 -29.29 9.80 34.86
CA GLN B 363 -28.11 10.55 35.31
C GLN B 363 -27.43 11.25 34.14
N ILE B 364 -27.21 10.54 33.04
CA ILE B 364 -26.46 11.10 31.92
C ILE B 364 -27.25 12.21 31.24
N LYS B 365 -28.55 12.00 31.04
CA LYS B 365 -29.37 12.99 30.33
C LYS B 365 -29.42 14.30 31.09
N GLY B 366 -29.60 14.23 32.41
CA GLY B 366 -29.65 15.45 33.21
C GLY B 366 -28.34 16.21 33.19
N ARG B 367 -27.23 15.48 33.31
CA ARG B 367 -25.91 16.12 33.30
C ARG B 367 -25.59 16.69 31.93
N LEU B 368 -25.93 15.98 30.85
CA LEU B 368 -25.71 16.52 29.51
C LEU B 368 -26.49 17.82 29.30
N LEU B 369 -27.75 17.84 29.72
CA LEU B 369 -28.56 19.04 29.48
C LEU B 369 -28.07 20.19 30.34
N GLU B 370 -27.66 19.92 31.58
CA GLU B 370 -27.13 20.97 32.44
C GLU B 370 -25.84 21.55 31.85
N GLU B 371 -24.90 20.68 31.47
CA GLU B 371 -23.65 21.19 30.90
C GLU B 371 -23.88 21.83 29.53
N HIS B 372 -24.84 21.31 28.75
CA HIS B 372 -25.16 21.92 27.46
C HIS B 372 -25.47 23.40 27.61
N SER B 373 -26.26 23.77 28.65
CA SER B 373 -26.67 25.15 28.83
C SER B 373 -25.50 26.07 29.16
N ARG B 374 -24.33 25.54 29.51
CA ARG B 374 -23.17 26.35 29.84
C ARG B 374 -22.21 26.49 28.66
N ILE B 375 -22.50 25.88 27.53
CA ILE B 375 -21.60 25.92 26.38
C ILE B 375 -21.74 27.26 25.67
N LYS B 376 -20.64 28.00 25.55
CA LYS B 376 -20.63 29.31 24.91
C LYS B 376 -20.26 29.14 23.44
N VAL B 377 -21.11 29.62 22.54
CA VAL B 377 -20.83 29.65 21.11
C VAL B 377 -20.67 31.10 20.69
N GLY B 378 -19.56 31.43 20.05
CA GLY B 378 -19.33 32.80 19.66
C GLY B 378 -18.03 33.02 18.93
N ASP B 379 -17.50 34.25 19.02
CA ASP B 379 -16.34 34.66 18.25
C ASP B 379 -15.07 34.21 18.96
N PRO B 380 -14.27 33.30 18.37
CA PRO B 380 -13.13 32.74 19.11
C PRO B 380 -11.95 33.68 19.21
N ALA B 381 -11.86 34.67 18.32
CA ALA B 381 -10.77 35.63 18.40
C ALA B 381 -11.04 36.72 19.42
N GLU B 382 -12.32 37.07 19.63
CA GLU B 382 -12.67 38.13 20.56
C GLU B 382 -12.97 37.63 21.96
N ASP B 383 -13.43 36.39 22.09
CA ASP B 383 -13.86 35.84 23.38
C ASP B 383 -13.20 34.48 23.57
N PHE B 384 -12.15 34.44 24.38
CA PHE B 384 -11.48 33.16 24.64
C PHE B 384 -12.30 32.26 25.54
N GLY B 385 -13.45 32.73 26.06
CA GLY B 385 -14.41 31.87 26.73
C GLY B 385 -15.26 31.02 25.80
N THR B 386 -15.09 31.20 24.49
CA THR B 386 -15.88 30.45 23.52
C THR B 386 -15.50 28.97 23.55
N PHE B 387 -16.52 28.09 23.62
CA PHE B 387 -16.23 26.66 23.53
C PHE B 387 -16.04 26.24 22.08
N PHE B 388 -16.95 26.60 21.18
CA PHE B 388 -16.73 26.45 19.75
C PHE B 388 -17.47 27.56 19.02
N SER B 389 -17.15 27.70 17.72
CA SER B 389 -17.66 28.82 16.94
C SER B 389 -18.49 28.34 15.75
N ALA B 390 -18.71 29.23 14.79
CA ALA B 390 -19.49 28.95 13.58
C ALA B 390 -18.90 27.79 12.79
N VAL B 391 -19.74 27.12 12.00
CA VAL B 391 -19.26 26.09 11.09
C VAL B 391 -18.65 26.75 9.87
N ILE B 392 -18.06 25.94 8.98
CA ILE B 392 -16.98 26.45 8.13
C ILE B 392 -17.52 27.37 7.02
N ASP B 393 -18.68 27.05 6.45
CA ASP B 393 -19.13 27.84 5.31
C ASP B 393 -20.64 27.69 5.12
N ALA B 394 -21.16 28.35 4.08
CA ALA B 394 -22.59 28.37 3.83
C ALA B 394 -23.12 27.00 3.44
N LYS B 395 -22.33 26.21 2.72
CA LYS B 395 -22.78 24.88 2.31
C LYS B 395 -22.94 23.96 3.52
N ALA B 396 -21.98 24.00 4.46
CA ALA B 396 -22.11 23.21 5.68
C ALA B 396 -23.30 23.69 6.52
N PHE B 397 -23.47 25.00 6.63
CA PHE B 397 -24.61 25.55 7.38
C PHE B 397 -25.93 25.05 6.80
N ALA B 398 -26.05 25.08 5.46
CA ALA B 398 -27.28 24.63 4.81
C ALA B 398 -27.52 23.15 5.06
N ARG B 399 -26.46 22.34 4.97
CA ARG B 399 -26.62 20.91 5.20
C ARG B 399 -27.06 20.62 6.62
N ILE B 400 -26.43 21.28 7.60
CA ILE B 400 -26.77 21.02 8.99
C ILE B 400 -28.20 21.48 9.28
N LYS B 401 -28.60 22.62 8.71
CA LYS B 401 -29.95 23.12 8.92
C LYS B 401 -31.00 22.14 8.42
N LYS B 402 -30.73 21.47 7.29
CA LYS B 402 -31.67 20.46 6.80
C LYS B 402 -31.78 19.30 7.76
N TRP B 403 -30.67 18.90 8.39
CA TRP B 403 -30.72 17.83 9.38
C TRP B 403 -31.48 18.25 10.62
N LEU B 404 -31.29 19.50 11.08
CA LEU B 404 -32.07 19.98 12.21
C LEU B 404 -33.56 19.96 11.88
N GLU B 405 -33.93 20.31 10.65
CA GLU B 405 -35.34 20.28 10.28
C GLU B 405 -35.86 18.85 10.20
N HIS B 406 -35.03 17.92 9.72
CA HIS B 406 -35.38 16.50 9.77
C HIS B 406 -35.64 16.04 11.20
N ALA B 407 -34.81 16.49 12.14
CA ALA B 407 -35.02 16.12 13.53
C ALA B 407 -36.33 16.66 14.09
N ARG B 408 -36.89 17.71 13.48
CA ARG B 408 -38.17 18.24 13.92
C ARG B 408 -39.36 17.56 13.26
N SER B 409 -39.14 16.81 12.17
CA SER B 409 -40.20 16.18 11.42
C SER B 409 -40.29 14.66 11.61
N SER B 410 -39.21 14.02 12.02
CA SER B 410 -39.17 12.58 12.10
C SER B 410 -39.92 12.10 13.34
N PRO B 411 -40.83 11.12 13.22
CA PRO B 411 -41.53 10.61 14.40
C PRO B 411 -40.64 9.88 15.37
N SER B 412 -39.47 9.41 14.94
CA SER B 412 -38.57 8.69 15.83
C SER B 412 -37.53 9.60 16.49
N LEU B 413 -37.51 10.88 16.14
CA LEU B 413 -36.51 11.82 16.65
C LEU B 413 -37.15 12.89 17.52
N SER B 414 -36.40 13.35 18.52
CA SER B 414 -36.83 14.46 19.36
C SER B 414 -35.61 15.26 19.77
N ILE B 415 -35.68 16.57 19.59
CA ILE B 415 -34.57 17.45 19.96
C ILE B 415 -34.63 17.70 21.46
N LEU B 416 -33.59 17.27 22.17
CA LEU B 416 -33.50 17.45 23.61
C LEU B 416 -32.89 18.79 24.00
N ALA B 417 -31.94 19.30 23.22
CA ALA B 417 -31.29 20.55 23.52
C ALA B 417 -30.74 21.16 22.24
N GLY B 418 -30.70 22.49 22.19
CA GLY B 418 -30.25 23.17 20.99
C GLY B 418 -31.29 23.12 19.88
N GLY B 419 -30.81 23.22 18.65
CA GLY B 419 -31.66 23.13 17.48
C GLY B 419 -31.78 24.40 16.66
N GLN B 420 -31.30 25.53 17.16
CA GLN B 420 -31.40 26.79 16.44
C GLN B 420 -30.10 27.07 15.69
N CYS B 421 -30.21 27.91 14.67
CA CYS B 421 -29.05 28.37 13.91
C CYS B 421 -29.37 29.73 13.32
N ASN B 422 -28.32 30.43 12.92
CA ASN B 422 -28.42 31.83 12.49
C ASN B 422 -27.19 32.14 11.66
N GLU B 423 -27.37 32.47 10.38
CA GLU B 423 -26.23 32.79 9.52
C GLU B 423 -26.17 34.26 9.13
N SER B 424 -26.76 35.15 9.94
CA SER B 424 -26.76 36.57 9.57
C SER B 424 -25.38 37.20 9.74
N VAL B 425 -24.57 36.72 10.68
CA VAL B 425 -23.24 37.29 10.92
C VAL B 425 -22.16 36.25 10.64
N GLY B 426 -22.26 35.09 11.30
CA GLY B 426 -21.45 33.93 10.96
C GLY B 426 -22.35 32.73 10.80
N TYR B 427 -21.74 31.62 10.39
CA TYR B 427 -22.50 30.39 10.17
C TYR B 427 -22.70 29.66 11.50
N TYR B 428 -23.53 30.27 12.35
CA TYR B 428 -23.63 29.84 13.74
C TYR B 428 -24.72 28.78 13.93
N VAL B 429 -24.33 27.67 14.55
CA VAL B 429 -25.22 26.57 14.88
C VAL B 429 -25.05 26.26 16.36
N GLU B 430 -26.17 26.20 17.09
CA GLU B 430 -26.10 25.74 18.47
C GLU B 430 -25.70 24.27 18.51
N PRO B 431 -25.01 23.84 19.57
CA PRO B 431 -24.87 22.40 19.81
C PRO B 431 -26.25 21.79 19.99
N CYS B 432 -26.48 20.65 19.34
CA CYS B 432 -27.81 20.06 19.34
C CYS B 432 -27.70 18.62 19.79
N ILE B 433 -28.53 18.25 20.77
CA ILE B 433 -28.61 16.88 21.27
C ILE B 433 -29.98 16.33 20.91
N ILE B 434 -29.99 15.22 20.17
CA ILE B 434 -31.20 14.58 19.69
C ILE B 434 -31.27 13.17 20.26
N GLU B 435 -32.46 12.73 20.65
CA GLU B 435 -32.66 11.33 21.01
C GLU B 435 -33.40 10.63 19.88
N SER B 436 -32.89 9.48 19.46
CA SER B 436 -33.57 8.65 18.48
C SER B 436 -34.13 7.41 19.17
N LYS B 437 -35.39 7.10 18.87
CA LYS B 437 -35.99 5.83 19.26
C LYS B 437 -35.65 4.72 18.30
N ASP B 438 -35.08 5.04 17.15
CA ASP B 438 -34.76 4.09 16.09
C ASP B 438 -33.25 4.01 15.95
N PRO B 439 -32.62 2.87 16.25
CA PRO B 439 -31.15 2.79 16.11
C PRO B 439 -30.67 2.87 14.68
N GLN B 440 -31.56 2.70 13.69
CA GLN B 440 -31.20 2.73 12.29
C GLN B 440 -31.71 3.98 11.57
N GLU B 441 -32.13 5.00 12.32
CA GLU B 441 -32.56 6.24 11.70
C GLU B 441 -31.45 6.78 10.79
N PRO B 442 -31.78 7.40 9.65
CA PRO B 442 -30.74 7.98 8.80
C PRO B 442 -29.78 8.90 9.53
N ILE B 443 -30.22 9.59 10.58
CA ILE B 443 -29.31 10.47 11.32
C ILE B 443 -28.28 9.68 12.12
N MET B 444 -28.53 8.38 12.34
CA MET B 444 -27.55 7.50 12.98
C MET B 444 -26.53 6.96 11.99
N LYS B 445 -26.71 7.19 10.69
CA LYS B 445 -25.87 6.58 9.67
C LYS B 445 -25.04 7.59 8.87
N GLU B 446 -25.54 8.79 8.64
CA GLU B 446 -24.94 9.70 7.69
C GLU B 446 -24.10 10.76 8.41
N GLU B 447 -22.91 11.01 7.87
CA GLU B 447 -21.99 11.97 8.47
C GLU B 447 -22.52 13.39 8.24
N ILE B 448 -22.79 14.11 9.34
CA ILE B 448 -23.31 15.46 9.26
C ILE B 448 -22.18 16.50 9.24
N PHE B 449 -21.11 16.27 10.02
CA PHE B 449 -20.01 17.23 10.14
C PHE B 449 -20.52 18.57 10.70
N GLY B 450 -21.32 18.46 11.76
CA GLY B 450 -21.84 19.60 12.48
C GLY B 450 -21.99 19.23 13.95
N PRO B 451 -22.42 20.19 14.77
CA PRO B 451 -22.52 19.92 16.23
C PRO B 451 -23.83 19.25 16.60
N VAL B 452 -24.00 18.01 16.12
CA VAL B 452 -25.26 17.30 16.21
C VAL B 452 -24.98 15.92 16.78
N LEU B 453 -25.36 15.69 18.03
CA LEU B 453 -25.18 14.40 18.69
C LEU B 453 -26.52 13.68 18.78
N THR B 454 -26.55 12.42 18.38
CA THR B 454 -27.76 11.62 18.47
C THR B 454 -27.56 10.52 19.52
N VAL B 455 -28.53 10.38 20.41
CA VAL B 455 -28.46 9.41 21.51
C VAL B 455 -29.47 8.31 21.26
N TYR B 456 -29.04 7.06 21.42
CA TYR B 456 -29.94 5.92 21.41
C TYR B 456 -29.85 5.22 22.76
N VAL B 457 -30.98 5.10 23.46
CA VAL B 457 -31.03 4.49 24.78
C VAL B 457 -31.42 3.02 24.61
N TYR B 458 -30.59 2.13 25.13
CA TYR B 458 -30.86 0.70 24.96
C TYR B 458 -31.12 0.02 26.29
N PRO B 459 -31.95 -1.03 26.32
CA PRO B 459 -32.16 -1.76 27.58
C PRO B 459 -30.88 -2.47 28.01
N ASP B 460 -30.58 -2.36 29.31
CA ASP B 460 -29.33 -2.90 29.85
C ASP B 460 -29.11 -4.34 29.42
N ASP B 461 -30.15 -5.19 29.53
CA ASP B 461 -29.97 -6.61 29.25
C ASP B 461 -29.84 -6.91 27.76
N LYS B 462 -29.90 -5.91 26.89
CA LYS B 462 -29.66 -6.09 25.47
C LYS B 462 -28.33 -5.47 25.03
N TYR B 463 -27.35 -5.42 25.93
CA TYR B 463 -26.11 -4.74 25.57
C TYR B 463 -25.33 -5.50 24.49
N ARG B 464 -25.42 -6.84 24.46
CA ARG B 464 -24.73 -7.60 23.42
C ARG B 464 -25.36 -7.35 22.06
N GLU B 465 -26.69 -7.39 21.98
CA GLU B 465 -27.37 -7.09 20.73
C GLU B 465 -27.07 -5.67 20.27
N THR B 466 -26.95 -4.74 21.21
CA THR B 466 -26.70 -3.34 20.86
C THR B 466 -25.28 -3.16 20.34
N LEU B 467 -24.31 -3.90 20.89
CA LEU B 467 -22.95 -3.86 20.36
C LEU B 467 -22.91 -4.30 18.90
N LYS B 468 -23.75 -5.27 18.53
CA LYS B 468 -23.80 -5.67 17.13
C LYS B 468 -24.39 -4.55 16.27
N LEU B 469 -25.36 -3.80 16.81
CA LEU B 469 -25.89 -2.66 16.07
C LEU B 469 -24.84 -1.55 15.93
N VAL B 470 -24.06 -1.30 16.98
CA VAL B 470 -22.99 -0.30 16.86
C VAL B 470 -22.10 -0.64 15.68
N ASP B 471 -21.83 -1.92 15.48
CA ASP B 471 -20.90 -2.39 14.46
C ASP B 471 -21.51 -2.40 13.06
N SER B 472 -22.82 -2.64 12.95
CA SER B 472 -23.44 -2.88 11.65
C SER B 472 -24.21 -1.69 11.09
N THR B 473 -24.46 -0.66 11.90
CA THR B 473 -25.41 0.39 11.50
C THR B 473 -24.84 1.28 10.40
N THR B 474 -23.57 1.66 10.47
CA THR B 474 -23.02 2.61 9.51
C THR B 474 -22.08 1.90 8.55
N SER B 475 -21.65 2.64 7.52
CA SER B 475 -20.70 2.11 6.56
C SER B 475 -19.26 2.44 6.91
N TYR B 476 -19.03 3.13 8.02
CA TYR B 476 -17.74 3.70 8.36
C TYR B 476 -17.02 2.87 9.42
N GLY B 477 -15.73 3.16 9.60
CA GLY B 477 -14.94 2.41 10.57
C GLY B 477 -13.80 3.19 11.19
N LEU B 478 -14.05 4.46 11.53
CA LEU B 478 -12.95 5.34 11.88
C LEU B 478 -12.66 5.35 13.38
N THR B 479 -13.45 6.06 14.18
CA THR B 479 -13.18 6.09 15.61
C THR B 479 -14.38 5.62 16.42
N GLY B 480 -14.10 5.22 17.66
CA GLY B 480 -15.15 4.84 18.58
C GLY B 480 -14.57 4.66 19.97
N ALA B 481 -15.45 4.79 20.96
CA ALA B 481 -15.05 4.69 22.36
C ALA B 481 -16.03 3.81 23.12
N VAL B 482 -15.50 3.08 24.10
CA VAL B 482 -16.32 2.35 25.06
C VAL B 482 -16.03 2.90 26.46
N PHE B 483 -17.09 3.23 27.19
CA PHE B 483 -17.00 3.68 28.58
C PHE B 483 -17.54 2.58 29.48
N ALA B 484 -16.65 1.99 30.28
CA ALA B 484 -16.99 0.89 31.15
C ALA B 484 -15.87 0.68 32.14
N GLN B 485 -16.21 0.37 33.39
CA GLN B 485 -15.18 0.01 34.36
C GLN B 485 -15.07 -1.49 34.58
N ASP B 486 -15.99 -2.28 34.02
CA ASP B 486 -15.93 -3.74 34.11
C ASP B 486 -14.92 -4.26 33.09
N LYS B 487 -13.88 -4.93 33.58
CA LYS B 487 -12.82 -5.40 32.70
C LYS B 487 -13.33 -6.38 31.66
N ALA B 488 -14.25 -7.28 32.06
CA ALA B 488 -14.75 -8.27 31.12
C ALA B 488 -15.58 -7.62 30.02
N ILE B 489 -16.36 -6.59 30.37
CA ILE B 489 -17.12 -5.85 29.36
C ILE B 489 -16.17 -5.16 28.39
N VAL B 490 -15.11 -4.54 28.92
CA VAL B 490 -14.14 -3.90 28.04
C VAL B 490 -13.54 -4.91 27.07
N GLN B 491 -13.12 -6.07 27.59
CA GLN B 491 -12.54 -7.08 26.71
C GLN B 491 -13.57 -7.57 25.68
N GLU B 492 -14.81 -7.81 26.12
CA GLU B 492 -15.84 -8.26 25.20
C GLU B 492 -16.13 -7.22 24.13
N ALA B 493 -16.27 -5.96 24.54
CA ALA B 493 -16.56 -4.91 23.58
C ALA B 493 -15.40 -4.70 22.62
N THR B 494 -14.17 -4.85 23.12
CA THR B 494 -13.00 -4.68 22.27
C THR B 494 -12.99 -5.71 21.16
N ARG B 495 -13.38 -6.95 21.46
CA ARG B 495 -13.43 -7.99 20.44
C ARG B 495 -14.55 -7.73 19.44
N MET B 496 -15.74 -7.38 19.94
CA MET B 496 -16.89 -7.24 19.05
CA MET B 496 -16.91 -7.22 19.07
C MET B 496 -16.76 -6.01 18.14
N LEU B 497 -16.06 -4.97 18.59
CA LEU B 497 -15.92 -3.73 17.84
C LEU B 497 -14.61 -3.65 17.09
N ARG B 498 -13.95 -4.80 16.90
CA ARG B 498 -12.61 -4.83 16.31
C ARG B 498 -12.54 -4.09 14.98
N ASN B 499 -13.54 -4.26 14.12
CA ASN B 499 -13.51 -3.58 12.82
C ASN B 499 -14.49 -2.42 12.72
N ALA B 500 -15.09 -2.01 13.84
CA ALA B 500 -15.94 -0.83 13.85
C ALA B 500 -15.15 0.46 14.02
N ALA B 501 -13.87 0.38 14.39
CA ALA B 501 -13.08 1.59 14.61
C ALA B 501 -11.60 1.26 14.41
N GLY B 502 -10.93 2.08 13.59
CA GLY B 502 -9.48 1.96 13.48
C GLY B 502 -8.73 2.67 14.59
N ASN B 503 -9.39 3.63 15.24
CA ASN B 503 -8.89 4.26 16.46
C ASN B 503 -9.95 4.03 17.52
N PHE B 504 -9.62 3.17 18.48
CA PHE B 504 -10.57 2.69 19.49
C PHE B 504 -10.13 3.19 20.85
N TYR B 505 -11.07 3.71 21.63
CA TYR B 505 -10.77 4.37 22.89
C TYR B 505 -11.52 3.70 24.01
N ILE B 506 -10.83 3.45 25.11
CA ILE B 506 -11.43 2.87 26.31
C ILE B 506 -11.41 3.94 27.38
N ASN B 507 -12.60 4.39 27.77
CA ASN B 507 -12.76 5.42 28.81
C ASN B 507 -12.02 6.71 28.46
N ASP B 508 -12.01 7.05 27.17
CA ASP B 508 -11.59 8.35 26.70
C ASP B 508 -12.41 8.71 25.46
N LYS B 509 -12.37 9.98 25.08
CA LYS B 509 -13.18 10.46 23.96
C LYS B 509 -12.59 10.02 22.62
N SER B 510 -13.44 10.03 21.59
CA SER B 510 -13.09 9.49 20.28
C SER B 510 -12.26 10.42 19.41
N THR B 511 -12.01 11.67 19.84
CA THR B 511 -11.24 12.64 19.09
C THR B 511 -9.85 12.81 19.70
N GLY B 512 -8.98 13.52 18.98
CA GLY B 512 -7.73 13.97 19.57
C GLY B 512 -6.59 12.97 19.58
N SER B 513 -6.45 12.19 18.52
CA SER B 513 -5.28 11.32 18.40
C SER B 513 -4.01 12.17 18.36
N VAL B 514 -2.93 11.61 18.92
CA VAL B 514 -1.65 12.29 19.02
C VAL B 514 -0.62 11.53 18.21
N VAL B 515 0.14 12.25 17.38
CA VAL B 515 1.14 11.61 16.53
C VAL B 515 2.11 10.81 17.39
N GLY B 516 2.45 9.61 16.90
CA GLY B 516 3.35 8.74 17.61
C GLY B 516 2.71 7.95 18.73
N GLN B 517 1.49 8.31 19.14
CA GLN B 517 0.79 7.64 20.24
C GLN B 517 -0.47 6.92 19.76
N GLN B 518 -1.29 7.59 18.94
CA GLN B 518 -2.44 6.97 18.29
C GLN B 518 -2.38 7.29 16.80
N PRO B 519 -1.57 6.55 16.03
CA PRO B 519 -1.64 6.65 14.56
C PRO B 519 -3.08 6.54 14.10
N PHE B 520 -3.46 7.36 13.12
CA PHE B 520 -4.86 7.65 12.89
C PHE B 520 -5.34 7.11 11.55
N GLY B 521 -6.48 6.45 11.55
CA GLY B 521 -7.13 6.03 10.33
C GLY B 521 -7.98 4.81 10.56
N GLY B 522 -8.88 4.55 9.62
CA GLY B 522 -9.75 3.40 9.75
C GLY B 522 -10.12 2.85 8.38
N ALA B 523 -10.75 1.68 8.39
CA ALA B 523 -11.13 1.02 7.15
C ALA B 523 -12.63 1.15 6.89
N ARG B 524 -13.26 0.11 6.35
CA ARG B 524 -14.60 0.20 5.81
C ARG B 524 -14.65 1.42 4.90
N ALA B 525 -15.70 2.23 4.96
CA ALA B 525 -15.75 3.38 4.05
C ALA B 525 -14.83 4.51 4.48
N SER B 526 -14.14 4.39 5.61
CA SER B 526 -13.34 5.50 6.12
C SER B 526 -12.01 5.65 5.40
N GLY B 527 -11.65 4.72 4.51
CA GLY B 527 -10.51 4.97 3.65
C GLY B 527 -9.58 3.78 3.60
N THR B 528 -8.33 4.05 3.19
CA THR B 528 -7.33 3.02 2.96
C THR B 528 -6.52 2.68 4.21
N ASN B 529 -6.69 3.44 5.29
CA ASN B 529 -6.08 3.19 6.60
C ASN B 529 -4.56 3.07 6.53
N ASP B 530 -3.92 4.12 6.00
CA ASP B 530 -2.47 4.11 5.91
C ASP B 530 -1.79 4.63 7.17
N LYS B 531 -2.58 5.03 8.16
CA LYS B 531 -2.12 5.38 9.51
C LYS B 531 -1.07 6.48 9.54
N PRO B 532 -1.37 7.66 9.01
CA PRO B 532 -0.50 8.82 9.28
C PRO B 532 -0.41 9.04 10.79
N GLY B 533 0.79 9.42 11.24
CA GLY B 533 1.10 9.51 12.66
C GLY B 533 1.83 8.28 13.19
N GLY B 534 1.95 7.24 12.38
CA GLY B 534 2.71 6.09 12.75
C GLY B 534 3.88 5.84 11.81
N PRO B 535 4.68 4.83 12.14
CA PRO B 535 5.96 4.61 11.43
C PRO B 535 5.82 4.03 10.03
N HIS B 536 4.64 3.55 9.62
CA HIS B 536 4.51 2.87 8.34
C HIS B 536 3.93 3.75 7.25
N TYR B 537 3.37 4.91 7.61
CA TYR B 537 2.73 5.78 6.63
C TYR B 537 3.66 6.13 5.47
N ILE B 538 4.91 6.48 5.78
CA ILE B 538 5.83 6.91 4.74
C ILE B 538 6.13 5.81 3.72
N LEU B 539 5.90 4.54 4.07
CA LEU B 539 6.17 3.47 3.13
C LEU B 539 5.29 3.55 1.89
N ARG B 540 4.12 4.22 1.98
CA ARG B 540 3.30 4.38 0.79
C ARG B 540 3.94 5.27 -0.25
N TRP B 541 4.92 6.11 0.14
CA TRP B 541 5.48 7.12 -0.76
C TRP B 541 6.91 6.79 -1.16
N THR B 542 7.34 5.54 -0.97
CA THR B 542 8.64 5.10 -1.44
C THR B 542 8.44 3.83 -2.24
N SER B 543 9.29 3.64 -3.26
CA SER B 543 9.28 2.45 -4.10
C SER B 543 10.69 1.86 -4.00
N PRO B 544 10.92 0.89 -3.12
CA PRO B 544 12.30 0.47 -2.86
C PRO B 544 12.95 -0.20 -4.06
N GLN B 545 14.25 0.05 -4.20
CA GLN B 545 15.13 -0.68 -5.10
C GLN B 545 16.14 -1.43 -4.25
N VAL B 546 16.45 -2.69 -4.62
CA VAL B 546 17.47 -3.46 -3.95
C VAL B 546 18.64 -3.65 -4.91
N ILE B 547 19.83 -3.30 -4.46
CA ILE B 547 21.05 -3.43 -5.25
C ILE B 547 21.89 -4.55 -4.65
N LYS B 548 22.22 -5.54 -5.47
CA LYS B 548 23.14 -6.60 -5.11
C LYS B 548 24.43 -6.41 -5.88
N GLU B 549 25.55 -6.29 -5.16
CA GLU B 549 26.85 -6.17 -5.80
C GLU B 549 27.67 -7.41 -5.44
N THR B 550 28.13 -8.12 -6.46
CA THR B 550 28.89 -9.34 -6.26
C THR B 550 30.36 -9.05 -6.49
N HIS B 551 31.21 -9.56 -5.60
CA HIS B 551 32.60 -9.15 -5.53
C HIS B 551 33.56 -10.22 -6.04
N LYS B 552 33.05 -11.31 -6.61
CA LYS B 552 33.89 -12.38 -7.13
C LYS B 552 33.40 -12.81 -8.50
N PRO B 553 34.28 -13.30 -9.38
CA PRO B 553 33.83 -13.81 -10.69
C PRO B 553 32.79 -14.91 -10.52
N LEU B 554 31.92 -15.03 -11.53
CA LEU B 554 30.75 -15.92 -11.41
C LEU B 554 31.07 -17.39 -11.68
N GLY B 555 32.08 -17.70 -12.48
CA GLY B 555 32.33 -19.11 -12.73
C GLY B 555 31.43 -19.67 -13.81
N ASP B 556 31.33 -21.00 -13.87
CA ASP B 556 30.69 -21.61 -15.02
C ASP B 556 29.16 -21.57 -14.92
N TRP B 557 28.51 -21.70 -16.09
CA TRP B 557 27.04 -21.70 -16.13
C TRP B 557 26.45 -23.05 -15.75
N ARG B 558 27.21 -24.13 -15.93
CA ARG B 558 26.76 -25.45 -15.50
C ARG B 558 26.76 -25.56 -13.97
N TYR B 559 26.05 -26.57 -13.47
CA TYR B 559 26.05 -26.89 -12.05
C TYR B 559 26.72 -28.24 -11.84
N SER B 560 27.29 -28.44 -10.65
CA SER B 560 28.06 -29.64 -10.39
C SER B 560 27.21 -30.91 -10.47
N TYR B 561 25.92 -30.84 -10.09
CA TYR B 561 25.08 -32.03 -10.15
C TYR B 561 24.85 -32.50 -11.58
N MET B 562 25.06 -31.63 -12.57
CA MET B 562 24.86 -31.99 -13.97
C MET B 562 25.97 -32.87 -14.53
N GLN B 563 27.10 -32.97 -13.84
CA GLN B 563 28.24 -33.75 -14.34
C GLN B 563 28.01 -35.26 -14.21
N HYP C . 12.66 -14.39 -7.17
CA HYP C . 12.80 -15.08 -8.49
C HYP C . 13.94 -14.43 -9.40
O HYP C . 14.20 -14.94 -10.50
CB HYP C . 11.41 -15.03 -9.15
CG HYP C . 10.50 -14.32 -8.12
CD HYP C . 11.47 -13.52 -7.27
OD1 HYP C . 9.87 -15.30 -7.33
OXT HYP C . 14.52 -13.43 -8.92
OH2 1PE D . -7.65 -39.00 -12.93
C12 1PE D . -7.12 -39.84 -13.93
C22 1PE D . -8.23 -40.67 -14.57
OH3 1PE D . -9.17 -39.78 -15.12
C13 1PE D . -10.99 -39.28 -16.57
C23 1PE D . -10.20 -40.38 -15.86
OH4 1PE D . -12.16 -39.03 -15.85
C14 1PE D . -14.01 -37.61 -15.29
C24 1PE D . -12.78 -37.82 -16.19
OH5 1PE D . -13.60 -37.26 -14.01
C15 1PE D . -14.12 -36.77 -11.70
C25 1PE D . -14.64 -37.22 -13.07
OH6 1PE D . -13.17 -37.67 -11.22
C16 1PE D . -11.90 -38.57 -9.37
C26 1PE D . -12.98 -37.60 -9.84
OH7 1PE D . -11.21 -39.08 -10.47
S SO4 E . -3.25 -19.89 -15.62
O1 SO4 E . -1.84 -19.97 -15.21
O2 SO4 E . -3.35 -20.15 -17.05
O3 SO4 E . -3.76 -18.54 -15.34
O4 SO4 E . -4.06 -20.84 -14.89
N HYP F . -6.01 13.50 14.57
CA HYP F . -7.30 14.24 14.67
C HYP F . -8.35 13.57 15.65
O HYP F . -8.04 12.44 16.08
CB HYP F . -7.85 14.37 13.21
CG HYP F . -6.74 13.79 12.32
CD HYP F . -5.97 12.83 13.25
OD1 HYP F . -5.90 14.86 11.90
OXT HYP F . -9.38 14.20 15.94
C1 PEG G . -26.33 30.23 17.73
O1 PEG G . -27.29 30.22 16.72
C2 PEG G . -25.59 31.56 17.68
O2 PEG G . -24.75 31.73 18.79
C3 PEG G . -23.83 32.78 18.64
C4 PEG G . -24.53 34.02 18.08
O4 PEG G . -23.63 35.08 17.97
OH2 1PE H . -6.89 41.40 -2.04
C12 1PE H . -7.91 42.30 -1.66
C22 1PE H . -8.14 43.31 -2.78
OH3 1PE H . -9.14 42.81 -3.63
C13 1PE H . -10.03 42.56 -5.81
C23 1PE H . -9.23 43.45 -4.87
OH4 1PE H . -9.24 42.31 -6.93
C14 1PE H . -8.68 41.07 -8.88
C24 1PE H . -9.71 41.28 -7.77
OH5 1PE H . -7.50 40.55 -8.31
C15 1PE H . -5.33 39.59 -8.59
C25 1PE H . -6.52 40.25 -9.26
OH6 1PE H . -4.72 40.48 -7.69
C16 1PE H . -2.89 40.90 -6.19
C26 1PE H . -3.41 40.09 -7.37
OH7 1PE H . -3.95 41.32 -5.39
S SO4 I . 12.56 10.87 -17.96
O1 SO4 I . 13.80 10.11 -18.09
O2 SO4 I . 12.89 12.27 -17.69
O3 SO4 I . 11.79 10.78 -19.20
O4 SO4 I . 11.77 10.34 -16.86
#